data_5VAG
#
_entry.id   5VAG
#
_cell.length_a   101.334
_cell.length_b   101.334
_cell.length_c   136.114
_cell.angle_alpha   90.00
_cell.angle_beta   90.00
_cell.angle_gamma   90.00
#
_symmetry.space_group_name_H-M   'P 41 21 2'
#
loop_
_entity.id
_entity.type
_entity.pdbx_description
1 polymer Hemagglutinin
2 polymer 'Light chain of antibody m826'
3 polymer 'Heavy chain of antibody m826'
4 non-polymer 1,2-ETHANEDIOL
5 water water
#
loop_
_entity_poly.entity_id
_entity_poly.type
_entity_poly.pdbx_seq_one_letter_code
_entity_poly.pdbx_strand_id
1 'polypeptide(L)'
;DKICLGHHAVSNGTKVNTLTERGVEVVNATETVERTNIPRICSKGKRTVDLGQCGLLGTITGPPQCDQFLEFSADLIIER
REGSDVCYPGKFVNEEALRQILRESGGIDKEAMGFTYSGIRTNGATSACRRSGSSFYAEMKWLLSNTDNAAFPQMTKSYK
NTRKSPALIVWGIHHSVSTAEQTKLYGSGNKLVTVGSSNYQQSFVPSPGARPQVNGLSGRIDFHWLMLNPNDTVTFSFNG
AFIAPDRASFLRGKSMGIQSGVQVDANCEGDCYHSGGTIISNLPFQNIDSRAVGKCPRYVKQRSLLLATGMKNVPEIPKG
RG
;
A
2 'polypeptide(L)'
;GDIQLTQSPSSLSASVGDRVTITCRASQSISSYLNWYQQKPGKAPKLLIYAASSLQSGVPSRFSGSGSGTDFTLTISSLQ
PEDFATYYCQQSYSTPRTFGQGTKVEIKRTVAAPSVFIFPPSDEQLKSGTASVVCLLNNFYPREAKVQWKVDNALQSGNS
QESVTEQDSKDSTYSLSSTLTLSKADYEKHKVYACEVTHQGLSSPVTKSFNRGEC
;
B
3 'polypeptide(L)'
;QVQLVQSGAEVKKPGSSVKVSCKASGGTFSSYAISWVRQAPGQGLEWMGGIIPIFGTANYAQKFQGRVTITADESTSTAY
MELSSLRSEDTAVYYCARDPSFWAAEYFQHWGQGTLVTVSSASTKGPSVFPLAPSSKSTSGGTAALGCLVKDYFPEPVTV
SWNSGALTSGVHTFPAVLQSSGLYSLSSVVTVPSSSLGTQTYICNVNHKPSNTKVDKKVEPKSCDKTSGQAGHHHHHHGD
YKDDDDK
;
C
#
loop_
_chem_comp.id
_chem_comp.type
_chem_comp.name
_chem_comp.formula
EDO non-polymer 1,2-ETHANEDIOL 'C2 H6 O2'
#
# COMPACT_ATOMS: atom_id res chain seq x y z
N ARG A 47 18.40 2.48 -37.30
CA ARG A 47 17.58 3.03 -36.22
C ARG A 47 16.93 1.95 -35.36
N THR A 48 17.17 0.68 -35.71
CA THR A 48 16.83 -0.44 -34.87
C THR A 48 18.07 -1.31 -34.69
N VAL A 49 18.36 -1.68 -33.44
CA VAL A 49 19.64 -2.26 -33.05
C VAL A 49 19.42 -3.65 -32.45
N ASP A 50 20.30 -4.59 -32.81
CA ASP A 50 20.23 -5.97 -32.35
C ASP A 50 21.37 -6.21 -31.37
N LEU A 51 21.04 -6.37 -30.09
CA LEU A 51 22.05 -6.45 -29.04
C LEU A 51 22.78 -7.79 -28.98
N GLY A 52 22.23 -8.86 -29.55
CA GLY A 52 22.99 -10.10 -29.58
C GLY A 52 23.35 -10.59 -28.19
N GLN A 53 24.66 -10.79 -27.94
CA GLN A 53 25.09 -11.30 -26.64
C GLN A 53 25.07 -10.24 -25.55
N CYS A 54 24.91 -8.97 -25.90
CA CYS A 54 24.86 -7.89 -24.93
C CYS A 54 23.44 -7.78 -24.36
N GLY A 55 23.31 -7.98 -23.05
CA GLY A 55 22.06 -7.64 -22.38
C GLY A 55 21.89 -6.13 -22.25
N LEU A 56 20.63 -5.69 -22.33
CA LEU A 56 20.32 -4.26 -22.37
C LEU A 56 20.91 -3.48 -21.20
N LEU A 57 20.87 -4.05 -19.99
CA LEU A 57 21.43 -3.30 -18.86
C LEU A 57 22.95 -3.29 -18.89
N GLY A 58 23.56 -4.22 -19.61
CA GLY A 58 25.01 -4.20 -19.81
C GLY A 58 25.50 -2.99 -20.57
N THR A 59 24.62 -2.35 -21.35
CA THR A 59 25.02 -1.15 -22.06
C THR A 59 25.39 -0.03 -21.10
N ILE A 60 24.91 -0.11 -19.86
CA ILE A 60 25.18 0.94 -18.88
C ILE A 60 26.54 0.73 -18.21
N THR A 61 26.82 -0.51 -17.79
CA THR A 61 28.02 -0.83 -17.03
C THR A 61 29.18 -1.31 -17.88
N GLY A 62 28.91 -1.96 -19.01
CA GLY A 62 29.91 -2.28 -19.99
C GLY A 62 30.72 -3.56 -19.74
N PRO A 63 30.06 -4.69 -19.59
CA PRO A 63 30.77 -5.97 -19.68
C PRO A 63 31.29 -6.15 -21.09
N PRO A 64 32.30 -7.00 -21.31
CA PRO A 64 32.94 -7.02 -22.63
C PRO A 64 31.97 -7.31 -23.77
N GLN A 65 30.94 -8.14 -23.56
CA GLN A 65 29.96 -8.39 -24.62
C GLN A 65 29.22 -7.12 -25.04
N CYS A 66 29.28 -6.04 -24.26
CA CYS A 66 28.57 -4.80 -24.60
C CYS A 66 29.49 -3.69 -25.07
N ASP A 67 30.76 -3.99 -25.34
CA ASP A 67 31.70 -2.92 -25.66
C ASP A 67 31.28 -2.11 -26.88
N GLN A 68 30.57 -2.71 -27.83
CA GLN A 68 30.19 -1.97 -29.03
C GLN A 68 28.84 -1.24 -28.88
N PHE A 69 28.31 -1.14 -27.67
CA PHE A 69 26.99 -0.56 -27.44
C PHE A 69 26.98 0.49 -26.32
N LEU A 70 28.14 0.94 -25.85
CA LEU A 70 28.17 1.80 -24.67
C LEU A 70 27.48 3.15 -24.88
N GLU A 71 27.30 3.58 -26.13
CA GLU A 71 26.58 4.81 -26.44
C GLU A 71 25.64 4.59 -27.61
N PHE A 72 24.93 3.46 -27.62
CA PHE A 72 24.10 3.16 -28.76
C PHE A 72 22.98 4.19 -28.94
N SER A 73 22.45 4.22 -30.16
CA SER A 73 21.34 5.08 -30.57
C SER A 73 20.37 4.22 -31.36
N ALA A 74 19.14 4.09 -30.88
CA ALA A 74 18.19 3.20 -31.54
C ALA A 74 16.76 3.50 -31.09
N ASP A 75 15.84 3.47 -32.05
CA ASP A 75 14.44 3.65 -31.71
C ASP A 75 13.78 2.34 -31.30
N LEU A 76 14.21 1.23 -31.89
CA LEU A 76 13.77 -0.10 -31.47
C LEU A 76 15.00 -0.91 -31.10
N ILE A 77 14.96 -1.51 -29.92
CA ILE A 77 16.04 -2.33 -29.38
C ILE A 77 15.59 -3.79 -29.46
N ILE A 78 16.38 -4.64 -30.12
CA ILE A 78 16.12 -6.08 -30.16
C ILE A 78 17.03 -6.76 -29.16
N GLU A 79 16.43 -7.51 -28.23
CA GLU A 79 17.15 -8.25 -27.20
C GLU A 79 17.05 -9.75 -27.48
N ARG A 80 18.11 -10.49 -27.11
CA ARG A 80 18.26 -11.88 -27.46
C ARG A 80 18.37 -12.76 -26.22
N ARG A 81 17.97 -14.03 -26.35
CA ARG A 81 18.05 -14.94 -25.22
C ARG A 81 19.48 -15.08 -24.70
N GLU A 82 20.47 -15.00 -25.59
CA GLU A 82 21.87 -15.13 -25.19
C GLU A 82 22.45 -13.85 -24.63
N GLY A 83 21.66 -12.78 -24.49
CA GLY A 83 22.16 -11.56 -23.88
C GLY A 83 22.36 -11.73 -22.39
N SER A 84 23.46 -11.19 -21.90
CA SER A 84 23.73 -11.11 -20.47
C SER A 84 24.10 -9.68 -20.13
N ASP A 85 23.53 -9.17 -19.04
CA ASP A 85 23.89 -7.85 -18.52
C ASP A 85 25.23 -7.83 -17.81
N VAL A 86 25.77 -9.00 -17.45
CA VAL A 86 26.85 -9.08 -16.47
C VAL A 86 28.00 -9.88 -17.05
N CYS A 87 29.16 -9.75 -16.40
CA CYS A 87 30.22 -10.73 -16.60
C CYS A 87 30.60 -11.38 -15.28
N TYR A 88 30.83 -10.60 -14.24
CA TYR A 88 30.89 -11.15 -12.90
C TYR A 88 29.47 -11.48 -12.41
N PRO A 89 29.28 -12.60 -11.70
CA PRO A 89 27.92 -12.98 -11.30
C PRO A 89 27.26 -11.88 -10.49
N GLY A 90 25.97 -11.69 -10.72
CA GLY A 90 25.23 -10.66 -10.03
C GLY A 90 24.00 -10.29 -10.83
N LYS A 91 23.27 -9.30 -10.31
CA LYS A 91 22.08 -8.81 -10.99
C LYS A 91 21.93 -7.31 -10.76
N PHE A 92 21.06 -6.70 -11.55
CA PHE A 92 20.68 -5.31 -11.38
C PHE A 92 19.48 -5.20 -10.45
N VAL A 93 19.57 -4.34 -9.44
CA VAL A 93 18.39 -4.04 -8.66
C VAL A 93 17.38 -3.33 -9.56
N ASN A 94 16.10 -3.65 -9.38
CA ASN A 94 15.02 -3.09 -10.20
C ASN A 94 15.31 -3.25 -11.69
N GLU A 95 15.73 -4.46 -12.05
CA GLU A 95 16.13 -4.71 -13.43
C GLU A 95 14.99 -4.49 -14.40
N GLU A 96 13.77 -4.95 -14.05
CA GLU A 96 12.66 -4.82 -14.97
CA GLU A 96 12.64 -4.83 -14.95
C GLU A 96 12.33 -3.35 -15.23
N ALA A 97 12.24 -2.54 -14.17
CA ALA A 97 11.96 -1.12 -14.34
C ALA A 97 13.01 -0.44 -15.20
N LEU A 98 14.29 -0.77 -14.96
CA LEU A 98 15.34 -0.08 -15.70
C LEU A 98 15.32 -0.48 -17.16
N ARG A 99 15.11 -1.75 -17.45
CA ARG A 99 14.91 -2.18 -18.83
C ARG A 99 13.78 -1.38 -19.51
N GLN A 100 12.70 -1.14 -18.81
CA GLN A 100 11.58 -0.39 -19.37
C GLN A 100 12.04 0.99 -19.76
N ILE A 101 12.75 1.65 -18.87
CA ILE A 101 13.29 2.97 -19.18
C ILE A 101 14.20 2.91 -20.41
N LEU A 102 15.09 1.92 -20.45
CA LEU A 102 16.05 1.94 -21.56
C LEU A 102 15.41 1.55 -22.88
N ARG A 103 14.39 0.67 -22.85
CA ARG A 103 13.74 0.25 -24.09
C ARG A 103 13.14 1.43 -24.84
N GLU A 104 12.62 2.44 -24.13
CA GLU A 104 12.05 3.59 -24.80
CA GLU A 104 12.01 3.62 -24.73
C GLU A 104 12.96 4.82 -24.74
N SER A 105 14.23 4.62 -24.40
CA SER A 105 15.16 5.75 -24.24
C SER A 105 15.64 6.35 -25.55
N GLY A 106 15.55 5.63 -26.67
CA GLY A 106 16.26 6.06 -27.85
C GLY A 106 17.77 5.89 -27.79
N GLY A 107 18.31 5.24 -26.76
CA GLY A 107 19.74 5.04 -26.62
C GLY A 107 20.30 5.91 -25.50
N ILE A 108 21.63 5.86 -25.36
CA ILE A 108 22.33 6.51 -24.25
C ILE A 108 23.58 7.23 -24.73
N ASP A 109 23.88 8.36 -24.10
CA ASP A 109 25.13 9.08 -24.25
C ASP A 109 25.82 9.11 -22.88
N LYS A 110 27.13 8.86 -22.85
CA LYS A 110 27.88 8.77 -21.60
C LYS A 110 28.68 10.04 -21.36
N GLU A 111 28.72 10.48 -20.09
CA GLU A 111 29.49 11.65 -19.68
C GLU A 111 30.31 11.30 -18.45
N ALA A 112 31.47 11.96 -18.31
CA ALA A 112 32.36 11.68 -17.20
C ALA A 112 31.76 12.19 -15.89
N MET A 113 31.98 11.46 -14.81
CA MET A 113 31.57 11.90 -13.50
C MET A 113 32.71 12.54 -12.72
N GLY A 114 33.95 12.33 -13.16
CA GLY A 114 35.08 13.07 -12.63
C GLY A 114 35.60 12.63 -11.28
N PHE A 115 35.29 11.42 -10.84
CA PHE A 115 35.84 10.94 -9.59
C PHE A 115 37.33 10.65 -9.79
N THR A 116 38.15 11.10 -8.83
CA THR A 116 39.57 10.77 -8.77
C THR A 116 39.86 10.16 -7.41
N TYR A 117 40.95 9.40 -7.35
CA TYR A 117 41.26 8.62 -6.16
C TYR A 117 42.75 8.66 -5.85
N SER A 118 43.07 8.51 -4.58
CA SER A 118 44.45 8.32 -4.14
C SER A 118 44.44 7.54 -2.83
N GLY A 119 45.48 6.73 -2.63
CA GLY A 119 45.57 5.86 -1.48
C GLY A 119 44.94 4.50 -1.66
N ILE A 120 44.46 4.19 -2.87
CA ILE A 120 43.85 2.90 -3.17
C ILE A 120 44.20 2.50 -4.60
N ARG A 121 44.02 1.21 -4.89
CA ARG A 121 43.95 0.74 -6.27
C ARG A 121 42.56 0.98 -6.85
N THR A 122 42.51 1.31 -8.14
CA THR A 122 41.26 1.49 -8.84
C THR A 122 41.06 0.47 -9.95
N ASN A 123 41.85 -0.61 -9.97
CA ASN A 123 41.96 -1.46 -11.14
C ASN A 123 41.66 -2.91 -10.81
N GLY A 124 40.77 -3.16 -9.85
CA GLY A 124 40.29 -4.51 -9.64
C GLY A 124 39.83 -5.16 -10.93
N ALA A 125 40.12 -6.45 -11.09
CA ALA A 125 39.78 -7.16 -12.32
C ALA A 125 39.46 -8.61 -11.97
N THR A 126 38.89 -9.33 -12.94
CA THR A 126 38.44 -10.69 -12.67
C THR A 126 38.53 -11.54 -13.93
N SER A 127 38.85 -12.83 -13.73
CA SER A 127 38.85 -13.77 -14.84
C SER A 127 37.50 -13.82 -15.53
N ALA A 128 36.43 -13.50 -14.79
CA ALA A 128 35.08 -13.58 -15.32
C ALA A 128 34.87 -12.64 -16.51
N CYS A 129 35.49 -11.45 -16.49
CA CYS A 129 35.28 -10.45 -17.55
C CYS A 129 36.49 -10.46 -18.47
N ARG A 130 36.42 -11.29 -19.49
CA ARG A 130 37.55 -11.27 -20.43
CA ARG A 130 37.53 -11.32 -20.45
C ARG A 130 37.63 -10.23 -21.64
N ARG A 131 38.67 -9.45 -21.36
CA ARG A 131 39.02 -8.43 -22.34
C ARG A 131 40.55 -8.41 -22.42
N SER A 132 41.10 -9.24 -23.30
CA SER A 132 42.55 -9.50 -23.35
C SER A 132 43.08 -9.86 -21.96
N GLY A 133 42.56 -10.97 -21.43
CA GLY A 133 42.85 -11.35 -20.07
C GLY A 133 41.82 -10.82 -19.09
N SER A 134 42.17 -10.87 -17.81
CA SER A 134 41.24 -10.44 -16.78
C SER A 134 40.96 -8.94 -16.88
N SER A 135 39.69 -8.56 -16.80
CA SER A 135 39.32 -7.16 -16.95
C SER A 135 38.10 -6.89 -16.07
N PHE A 136 37.38 -5.81 -16.36
CA PHE A 136 36.23 -5.44 -15.56
C PHE A 136 35.21 -4.70 -16.42
N TYR A 137 34.10 -4.30 -15.81
CA TYR A 137 33.13 -3.44 -16.47
C TYR A 137 33.79 -2.15 -16.95
N ALA A 138 33.52 -1.78 -18.20
CA ALA A 138 34.23 -0.66 -18.81
C ALA A 138 33.85 0.68 -18.19
N GLU A 139 32.64 0.80 -17.66
CA GLU A 139 32.14 2.06 -17.12
C GLU A 139 32.37 2.20 -15.62
N MET A 140 32.85 1.15 -14.96
CA MET A 140 32.94 1.06 -13.51
C MET A 140 34.40 0.91 -13.10
N LYS A 141 34.71 1.25 -11.85
CA LYS A 141 36.05 1.04 -11.29
C LYS A 141 35.92 0.22 -10.03
N TRP A 142 36.62 -0.91 -9.99
CA TRP A 142 36.62 -1.79 -8.82
C TRP A 142 37.68 -1.27 -7.87
N LEU A 143 37.26 -0.49 -6.87
CA LEU A 143 38.19 0.12 -5.93
C LEU A 143 38.63 -0.89 -4.88
N LEU A 144 39.95 -0.95 -4.65
CA LEU A 144 40.57 -1.84 -3.68
C LEU A 144 41.54 -1.04 -2.82
N SER A 145 41.82 -1.54 -1.61
CA SER A 145 42.85 -0.92 -0.78
C SER A 145 44.23 -1.11 -1.42
N ASN A 146 45.15 -0.18 -1.11
CA ASN A 146 46.41 -0.13 -1.83
C ASN A 146 47.20 -1.44 -1.76
N THR A 147 47.02 -2.20 -0.69
CA THR A 147 47.72 -3.47 -0.51
C THR A 147 46.81 -4.48 0.13
N ASP A 148 47.09 -5.75 -0.05
CA ASP A 148 46.25 -6.80 0.50
C ASP A 148 46.05 -6.64 2.01
N ASN A 149 44.80 -6.75 2.44
CA ASN A 149 44.41 -6.76 3.84
C ASN A 149 44.65 -5.43 4.53
N ALA A 150 45.17 -4.45 3.78
CA ALA A 150 45.31 -3.11 4.31
C ALA A 150 43.93 -2.46 4.48
N ALA A 151 43.85 -1.50 5.39
CA ALA A 151 42.59 -0.82 5.64
C ALA A 151 42.21 0.04 4.45
N PHE A 152 40.96 -0.08 4.00
CA PHE A 152 40.44 0.82 2.98
C PHE A 152 40.08 2.15 3.64
N PRO A 153 40.51 3.28 3.08
CA PRO A 153 40.18 4.57 3.69
C PRO A 153 38.72 4.94 3.48
N GLN A 154 38.11 5.47 4.53
CA GLN A 154 36.78 6.07 4.42
C GLN A 154 36.82 7.21 3.41
N MET A 155 35.98 7.13 2.37
CA MET A 155 36.00 8.09 1.28
C MET A 155 34.62 8.65 1.01
N THR A 156 34.59 9.83 0.40
CA THR A 156 33.36 10.43 -0.10
C THR A 156 33.62 11.07 -1.45
N LYS A 157 32.72 10.78 -2.40
CA LYS A 157 32.79 11.29 -3.76
C LYS A 157 31.41 11.83 -4.14
N SER A 158 31.39 12.99 -4.79
CA SER A 158 30.15 13.63 -5.18
CA SER A 158 30.14 13.63 -5.19
C SER A 158 30.21 14.03 -6.66
N TYR A 159 29.04 14.07 -7.29
CA TYR A 159 28.90 14.48 -8.69
C TYR A 159 27.61 15.27 -8.84
N LYS A 160 27.71 16.45 -9.47
CA LYS A 160 26.55 17.29 -9.73
C LYS A 160 26.12 17.16 -11.18
N ASN A 161 24.82 16.95 -11.39
CA ASN A 161 24.26 16.94 -12.74
C ASN A 161 24.11 18.38 -13.21
N THR A 162 24.97 18.79 -14.14
CA THR A 162 24.95 20.14 -14.69
C THR A 162 24.22 20.22 -16.02
N ARG A 163 23.61 19.12 -16.47
CA ARG A 163 22.87 19.10 -17.73
CA ARG A 163 22.88 19.09 -17.72
C ARG A 163 21.39 19.35 -17.46
N LYS A 164 20.62 19.43 -18.54
CA LYS A 164 19.20 19.73 -18.42
C LYS A 164 18.32 18.49 -18.36
N SER A 165 18.90 17.31 -18.57
CA SER A 165 18.15 16.06 -18.43
C SER A 165 18.61 15.29 -17.20
N PRO A 166 17.79 14.38 -16.69
CA PRO A 166 18.22 13.58 -15.54
C PRO A 166 19.36 12.64 -15.93
N ALA A 167 20.26 12.42 -14.98
CA ALA A 167 21.43 11.57 -15.19
C ALA A 167 21.18 10.20 -14.56
N LEU A 168 21.44 9.14 -15.33
CA LEU A 168 21.34 7.77 -14.82
C LEU A 168 22.69 7.38 -14.19
N ILE A 169 22.66 7.04 -12.91
CA ILE A 169 23.88 6.78 -12.15
C ILE A 169 23.81 5.37 -11.58
N VAL A 170 24.84 4.57 -11.85
CA VAL A 170 24.92 3.18 -11.39
C VAL A 170 26.12 3.02 -10.47
N TRP A 171 25.99 2.10 -9.52
CA TRP A 171 27.10 1.65 -8.70
C TRP A 171 26.88 0.19 -8.35
N GLY A 172 27.96 -0.49 -7.99
CA GLY A 172 27.90 -1.88 -7.59
C GLY A 172 28.23 -2.03 -6.11
N ILE A 173 27.71 -3.08 -5.51
CA ILE A 173 28.03 -3.49 -4.14
C ILE A 173 28.58 -4.89 -4.24
N HIS A 174 29.80 -5.10 -3.74
CA HIS A 174 30.46 -6.39 -3.83
C HIS A 174 30.18 -7.22 -2.60
N HIS A 175 29.52 -8.36 -2.78
CA HIS A 175 29.31 -9.37 -1.73
C HIS A 175 30.36 -10.45 -1.93
N SER A 176 31.49 -10.33 -1.23
CA SER A 176 32.57 -11.31 -1.36
C SER A 176 32.07 -12.71 -1.02
N VAL A 177 32.74 -13.69 -1.60
CA VAL A 177 32.45 -15.09 -1.38
C VAL A 177 32.83 -15.57 0.02
N SER A 178 33.73 -14.85 0.69
CA SER A 178 34.21 -15.20 2.02
C SER A 178 34.64 -13.93 2.74
N THR A 179 34.62 -13.96 4.07
CA THR A 179 35.09 -12.81 4.84
C THR A 179 36.59 -12.59 4.67
N ALA A 180 37.36 -13.67 4.45
CA ALA A 180 38.78 -13.48 4.17
C ALA A 180 39.00 -12.72 2.88
N GLU A 181 38.22 -13.04 1.83
CA GLU A 181 38.28 -12.27 0.59
C GLU A 181 37.97 -10.80 0.85
N GLN A 182 36.89 -10.52 1.59
CA GLN A 182 36.53 -9.14 1.87
C GLN A 182 37.65 -8.43 2.64
N THR A 183 38.18 -9.09 3.66
CA THR A 183 39.32 -8.55 4.38
C THR A 183 40.51 -8.35 3.45
N LYS A 184 40.80 -9.36 2.62
CA LYS A 184 41.90 -9.25 1.67
C LYS A 184 41.77 -8.02 0.77
N LEU A 185 40.54 -7.74 0.31
CA LEU A 185 40.32 -6.71 -0.71
C LEU A 185 40.16 -5.30 -0.15
N TYR A 186 39.58 -5.15 1.05
CA TYR A 186 39.25 -3.83 1.58
C TYR A 186 39.69 -3.62 3.01
N GLY A 187 40.32 -4.61 3.64
CA GLY A 187 40.59 -4.57 5.06
C GLY A 187 39.49 -5.26 5.86
N SER A 188 39.81 -5.53 7.12
CA SER A 188 38.83 -6.20 7.99
C SER A 188 37.89 -5.17 8.61
N GLY A 189 36.86 -5.68 9.29
CA GLY A 189 35.89 -4.81 9.92
C GLY A 189 34.67 -4.53 9.05
N ASN A 190 33.73 -3.79 9.65
CA ASN A 190 32.43 -3.55 9.04
C ASN A 190 32.52 -2.67 7.80
N LYS A 191 31.84 -3.09 6.73
CA LYS A 191 31.78 -2.30 5.51
C LYS A 191 30.40 -1.67 5.33
N LEU A 192 30.40 -0.43 4.81
CA LEU A 192 29.16 0.32 4.64
C LEU A 192 29.29 1.29 3.46
N VAL A 193 28.26 1.31 2.61
CA VAL A 193 28.16 2.21 1.47
C VAL A 193 26.89 3.01 1.63
N THR A 194 26.99 4.33 1.55
CA THR A 194 25.82 5.19 1.66
C THR A 194 25.75 6.07 0.42
N VAL A 195 24.55 6.15 -0.17
CA VAL A 195 24.28 7.03 -1.30
C VAL A 195 23.30 8.09 -0.83
N GLY A 196 23.55 9.33 -1.24
CA GLY A 196 22.68 10.43 -0.87
C GLY A 196 22.43 11.31 -2.07
N SER A 197 21.26 11.94 -2.07
CA SER A 197 20.94 13.00 -3.00
C SER A 197 19.95 13.93 -2.29
N SER A 198 19.36 14.87 -3.03
CA SER A 198 18.44 15.81 -2.42
C SER A 198 17.33 15.09 -1.65
N ASN A 199 17.33 15.24 -0.33
CA ASN A 199 16.30 14.67 0.55
C ASN A 199 16.22 13.14 0.43
N TYR A 200 17.36 12.48 0.23
CA TYR A 200 17.37 11.03 0.08
C TYR A 200 18.70 10.48 0.58
N GLN A 201 18.63 9.44 1.40
CA GLN A 201 19.80 8.71 1.85
C GLN A 201 19.46 7.23 1.93
N GLN A 202 20.33 6.37 1.42
CA GLN A 202 20.14 4.92 1.53
C GLN A 202 21.49 4.24 1.70
N SER A 203 21.56 3.22 2.56
CA SER A 203 22.81 2.53 2.86
C SER A 203 22.71 1.07 2.43
N PHE A 204 23.87 0.50 2.08
CA PHE A 204 24.00 -0.91 1.72
C PHE A 204 25.14 -1.52 2.53
N VAL A 205 24.90 -2.68 3.13
CA VAL A 205 25.89 -3.38 3.93
C VAL A 205 26.24 -4.69 3.23
N PRO A 206 27.48 -4.87 2.78
CA PRO A 206 27.82 -6.12 2.08
C PRO A 206 27.56 -7.35 2.94
N SER A 207 27.16 -8.43 2.26
CA SER A 207 26.82 -9.70 2.86
C SER A 207 27.84 -10.73 2.37
N PRO A 208 29.03 -10.77 2.97
CA PRO A 208 30.08 -11.70 2.51
C PRO A 208 29.75 -13.15 2.85
N GLY A 209 29.42 -13.93 1.83
CA GLY A 209 29.10 -15.34 2.00
C GLY A 209 29.38 -16.04 0.68
N ALA A 210 29.27 -17.37 0.70
CA ALA A 210 29.60 -18.20 -0.45
C ALA A 210 28.31 -18.79 -1.03
N ARG A 211 27.91 -18.33 -2.20
CA ARG A 211 26.80 -18.88 -2.94
C ARG A 211 27.31 -19.73 -4.10
N PRO A 212 26.42 -20.42 -4.84
CA PRO A 212 26.87 -21.26 -5.94
C PRO A 212 27.81 -20.52 -6.88
N GLN A 213 28.83 -21.22 -7.37
CA GLN A 213 29.83 -20.58 -8.23
C GLN A 213 29.32 -20.34 -9.66
N VAL A 214 29.86 -19.32 -10.31
CA VAL A 214 29.50 -18.90 -11.67
C VAL A 214 30.66 -18.14 -12.31
N ASN A 215 31.59 -18.82 -12.95
CA ASN A 215 31.63 -20.27 -13.01
C ASN A 215 32.34 -20.83 -11.77
N GLY A 216 33.41 -20.14 -11.35
CA GLY A 216 34.17 -20.56 -10.19
C GLY A 216 34.12 -19.59 -9.02
N LEU A 217 33.48 -18.44 -9.19
CA LEU A 217 33.49 -17.38 -8.19
C LEU A 217 32.18 -17.36 -7.40
N SER A 218 32.30 -17.42 -6.07
CA SER A 218 31.16 -17.51 -5.17
C SER A 218 30.65 -16.16 -4.70
N GLY A 219 31.37 -15.08 -5.02
CA GLY A 219 30.89 -13.75 -4.70
C GLY A 219 29.90 -13.24 -5.74
N ARG A 220 29.43 -12.01 -5.49
CA ARG A 220 28.46 -11.36 -6.36
C ARG A 220 28.71 -9.87 -6.35
N ILE A 221 28.52 -9.23 -7.50
CA ILE A 221 28.45 -7.77 -7.59
C ILE A 221 27.07 -7.44 -8.13
N ASP A 222 26.25 -6.80 -7.31
CA ASP A 222 24.91 -6.38 -7.69
C ASP A 222 24.94 -4.89 -7.99
N PHE A 223 24.18 -4.46 -9.00
CA PHE A 223 24.21 -3.06 -9.44
C PHE A 223 22.93 -2.35 -9.02
N HIS A 224 23.11 -1.17 -8.42
CA HIS A 224 22.06 -0.27 -7.97
C HIS A 224 22.09 0.99 -8.82
N TRP A 225 20.97 1.70 -8.90
CA TRP A 225 21.00 2.89 -9.74
C TRP A 225 20.11 3.98 -9.15
N LEU A 226 20.30 5.19 -9.66
CA LEU A 226 19.40 6.28 -9.34
C LEU A 226 19.37 7.25 -10.52
N MET A 227 18.33 8.07 -10.58
CA MET A 227 18.15 9.10 -11.60
C MET A 227 18.37 10.40 -10.89
N LEU A 228 19.35 11.15 -11.33
CA LEU A 228 19.79 12.37 -10.68
C LEU A 228 19.20 13.56 -11.43
N ASN A 229 18.33 14.31 -10.75
CA ASN A 229 17.68 15.45 -11.39
C ASN A 229 18.73 16.49 -11.79
N PRO A 230 18.45 17.27 -12.83
CA PRO A 230 19.34 18.41 -13.15
C PRO A 230 19.58 19.28 -11.93
N ASN A 231 20.85 19.58 -11.68
CA ASN A 231 21.34 20.45 -10.62
C ASN A 231 21.36 19.78 -9.25
N ASP A 232 20.91 18.54 -9.14
CA ASP A 232 21.09 17.80 -7.90
C ASP A 232 22.49 17.18 -7.84
N THR A 233 22.89 16.78 -6.63
CA THR A 233 24.19 16.19 -6.41
C THR A 233 24.04 14.81 -5.76
N VAL A 234 24.70 13.81 -6.33
CA VAL A 234 24.78 12.49 -5.72
C VAL A 234 26.08 12.39 -4.92
N THR A 235 25.97 11.86 -3.71
CA THR A 235 27.13 11.62 -2.86
C THR A 235 27.22 10.15 -2.49
N PHE A 236 28.41 9.58 -2.61
CA PHE A 236 28.72 8.22 -2.16
C PHE A 236 29.69 8.28 -1.00
N SER A 237 29.36 7.58 0.08
CA SER A 237 30.25 7.40 1.22
C SER A 237 30.50 5.92 1.42
N PHE A 238 31.78 5.53 1.51
CA PHE A 238 32.09 4.12 1.48
C PHE A 238 33.48 3.89 2.03
N ASN A 239 33.68 2.70 2.60
CA ASN A 239 34.99 2.25 3.07
C ASN A 239 35.37 0.91 2.46
N GLY A 240 34.75 0.54 1.35
CA GLY A 240 35.06 -0.71 0.67
C GLY A 240 33.83 -1.33 0.05
N ALA A 241 34.04 -2.46 -0.62
CA ALA A 241 32.96 -3.23 -1.25
C ALA A 241 32.12 -2.40 -2.21
N PHE A 242 32.71 -1.33 -2.76
CA PHE A 242 32.03 -0.36 -3.60
C PHE A 242 32.64 -0.40 -4.98
N ILE A 243 31.79 -0.62 -6.00
CA ILE A 243 32.19 -0.54 -7.40
C ILE A 243 31.67 0.79 -7.93
N ALA A 244 32.56 1.62 -8.35
CA ALA A 244 32.25 3.03 -8.57
C ALA A 244 31.99 3.32 -10.04
N PRO A 245 31.01 4.19 -10.32
CA PRO A 245 30.79 4.64 -11.70
C PRO A 245 31.91 5.58 -12.14
N ASP A 246 32.39 5.35 -13.35
CA ASP A 246 33.26 6.32 -14.01
C ASP A 246 32.47 7.31 -14.85
N ARG A 247 31.34 6.89 -15.40
CA ARG A 247 30.54 7.74 -16.28
C ARG A 247 29.07 7.61 -15.93
N ALA A 248 28.33 8.68 -16.18
CA ALA A 248 26.87 8.70 -16.09
C ALA A 248 26.29 8.55 -17.48
N SER A 249 25.00 8.18 -17.53
CA SER A 249 24.29 7.95 -18.79
C SER A 249 23.14 8.93 -18.94
N PHE A 250 22.98 9.47 -20.13
CA PHE A 250 21.86 10.35 -20.45
C PHE A 250 21.04 9.75 -21.56
N LEU A 251 19.72 9.75 -21.38
CA LEU A 251 18.83 9.20 -22.38
C LEU A 251 18.83 10.09 -23.61
N ARG A 252 18.94 9.47 -24.78
CA ARG A 252 18.99 10.24 -26.02
C ARG A 252 17.62 10.79 -26.42
N GLY A 253 16.53 10.07 -26.14
CA GLY A 253 15.23 10.44 -26.66
C GLY A 253 15.01 9.91 -28.07
N LYS A 254 13.78 9.53 -28.40
CA LYS A 254 13.50 8.93 -29.70
C LYS A 254 13.56 10.01 -30.80
N SER A 255 13.20 9.63 -32.02
CA SER A 255 13.17 10.57 -33.14
C SER A 255 11.85 11.34 -33.21
N GLY B 1 9.73 -15.21 -8.89
CA GLY B 1 8.75 -14.32 -9.48
C GLY B 1 8.50 -13.13 -8.59
N ASP B 2 7.23 -12.83 -8.32
CA ASP B 2 6.91 -11.74 -7.42
C ASP B 2 7.58 -11.98 -6.07
N ILE B 3 7.79 -10.89 -5.34
CA ILE B 3 8.31 -10.95 -3.97
C ILE B 3 7.11 -10.86 -3.03
N GLN B 4 6.94 -11.87 -2.17
CA GLN B 4 5.88 -11.88 -1.17
C GLN B 4 6.41 -11.35 0.15
N LEU B 5 5.65 -10.48 0.79
CA LEU B 5 6.00 -9.97 2.11
C LEU B 5 4.98 -10.50 3.11
N THR B 6 5.46 -11.11 4.19
CA THR B 6 4.62 -11.59 5.27
C THR B 6 4.85 -10.72 6.49
N GLN B 7 3.80 -10.01 6.89
CA GLN B 7 3.84 -9.14 8.05
C GLN B 7 3.30 -9.87 9.27
N SER B 8 3.89 -9.60 10.44
CA SER B 8 3.31 -10.12 11.67
C SER B 8 3.61 -9.16 12.82
N PRO B 9 2.74 -9.10 13.83
CA PRO B 9 1.43 -9.79 13.82
C PRO B 9 0.42 -9.14 12.85
N SER B 10 -0.74 -9.75 12.66
CA SER B 10 -1.79 -9.13 11.86
C SER B 10 -2.55 -8.09 12.67
N SER B 11 -2.72 -8.34 13.95
CA SER B 11 -3.48 -7.48 14.82
C SER B 11 -2.76 -7.47 16.16
N LEU B 12 -2.65 -6.28 16.75
CA LEU B 12 -1.88 -6.11 17.97
C LEU B 12 -2.64 -5.16 18.89
N SER B 13 -2.63 -5.48 20.18
CA SER B 13 -3.20 -4.64 21.24
C SER B 13 -2.06 -4.01 22.04
N ALA B 14 -2.13 -2.70 22.28
CA ALA B 14 -1.01 -2.01 22.92
C ALA B 14 -1.54 -0.81 23.70
N SER B 15 -0.67 -0.25 24.53
CA SER B 15 -0.96 0.91 25.37
C SER B 15 0.04 2.02 25.11
N VAL B 16 -0.39 3.26 25.35
CA VAL B 16 0.52 4.40 25.27
C VAL B 16 1.74 4.14 26.12
N GLY B 17 2.92 4.45 25.57
CA GLY B 17 4.17 4.16 26.23
C GLY B 17 4.83 2.86 25.83
N ASP B 18 4.10 1.95 25.17
CA ASP B 18 4.68 0.66 24.82
C ASP B 18 5.71 0.79 23.69
N ARG B 19 6.50 -0.25 23.55
CA ARG B 19 7.44 -0.39 22.47
C ARG B 19 6.73 -1.42 21.59
N VAL B 20 6.38 -1.06 20.37
CA VAL B 20 5.65 -1.94 19.46
C VAL B 20 6.61 -2.37 18.37
N THR B 21 6.57 -3.66 18.02
CA THR B 21 7.49 -4.22 17.05
C THR B 21 6.70 -4.91 15.95
N ILE B 22 6.91 -4.51 14.70
CA ILE B 22 6.22 -5.10 13.57
C ILE B 22 7.28 -5.64 12.63
N THR B 23 7.12 -6.89 12.23
CA THR B 23 8.08 -7.62 11.42
CA THR B 23 8.11 -7.56 11.40
C THR B 23 7.56 -7.78 10.00
N CYS B 24 8.48 -7.77 9.04
CA CYS B 24 8.16 -8.01 7.64
C CYS B 24 9.25 -8.93 7.13
N ARG B 25 8.86 -10.07 6.56
CA ARG B 25 9.79 -11.05 6.03
C ARG B 25 9.56 -11.21 4.53
N ALA B 26 10.58 -10.96 3.74
CA ALA B 26 10.49 -11.02 2.29
C ALA B 26 10.89 -12.41 1.80
N SER B 27 10.29 -12.83 0.69
CA SER B 27 10.51 -14.17 0.16
C SER B 27 11.83 -14.32 -0.59
N GLN B 28 12.51 -13.22 -0.89
CA GLN B 28 13.88 -13.26 -1.36
C GLN B 28 14.61 -12.06 -0.78
N SER B 29 15.93 -12.05 -0.92
CA SER B 29 16.74 -11.01 -0.30
C SER B 29 16.63 -9.70 -1.09
N ILE B 30 16.29 -8.60 -0.41
CA ILE B 30 16.05 -7.34 -1.10
C ILE B 30 16.90 -6.21 -0.55
N SER B 31 18.05 -6.53 0.04
CA SER B 31 19.00 -5.50 0.49
C SER B 31 18.24 -4.54 1.41
N SER B 32 18.31 -3.22 1.21
CA SER B 32 17.62 -2.27 2.08
C SER B 32 16.38 -1.67 1.41
N TYR B 33 15.76 -2.40 0.48
CA TYR B 33 14.70 -1.82 -0.36
C TYR B 33 13.32 -2.11 0.24
N LEU B 34 13.06 -1.48 1.38
CA LEU B 34 11.80 -1.74 2.09
C LEU B 34 11.26 -0.47 2.73
N ASN B 35 9.97 -0.20 2.51
CA ASN B 35 9.33 1.01 3.03
C ASN B 35 8.22 0.62 3.99
N TRP B 36 7.89 1.54 4.90
CA TRP B 36 6.82 1.37 5.88
C TRP B 36 5.86 2.56 5.76
N TYR B 37 4.57 2.25 5.80
CA TYR B 37 3.50 3.24 5.75
C TYR B 37 2.55 3.07 6.93
N GLN B 38 1.94 4.18 7.31
CA GLN B 38 0.86 4.21 8.28
C GLN B 38 -0.42 4.61 7.57
N GLN B 39 -1.55 4.01 7.95
CA GLN B 39 -2.82 4.41 7.36
C GLN B 39 -3.92 4.38 8.41
N LYS B 40 -4.72 5.42 8.44
CA LYS B 40 -5.88 5.48 9.33
C LYS B 40 -7.16 5.46 8.52
N PRO B 41 -8.29 5.06 9.12
CA PRO B 41 -9.52 4.89 8.34
C PRO B 41 -9.91 6.17 7.62
N GLY B 42 -10.30 6.02 6.36
CA GLY B 42 -10.72 7.15 5.54
C GLY B 42 -9.61 8.01 4.99
N LYS B 43 -8.34 7.62 5.12
CA LYS B 43 -7.23 8.46 4.70
C LYS B 43 -6.24 7.64 3.88
N ALA B 44 -5.54 8.33 3.01
CA ALA B 44 -4.47 7.71 2.24
C ALA B 44 -3.35 7.30 3.18
N PRO B 45 -2.59 6.26 2.83
CA PRO B 45 -1.40 5.92 3.62
C PRO B 45 -0.41 7.08 3.66
N LYS B 46 0.44 7.06 4.69
CA LYS B 46 1.48 8.06 4.89
C LYS B 46 2.83 7.38 5.06
N LEU B 47 3.86 7.85 4.35
CA LEU B 47 5.18 7.24 4.42
C LEU B 47 5.87 7.54 5.76
N LEU B 48 6.37 6.49 6.42
CA LEU B 48 7.18 6.67 7.62
C LEU B 48 8.66 6.46 7.36
N ILE B 49 9.00 5.32 6.77
CA ILE B 49 10.38 4.89 6.58
C ILE B 49 10.54 4.47 5.12
N TYR B 50 11.66 4.86 4.51
CA TYR B 50 12.04 4.35 3.21
C TYR B 50 13.46 3.81 3.34
N ALA B 51 13.84 2.95 2.40
CA ALA B 51 15.19 2.38 2.36
C ALA B 51 15.53 1.64 3.66
N ALA B 52 14.51 1.00 4.23
CA ALA B 52 14.59 0.10 5.40
C ALA B 52 14.79 0.84 6.73
N SER B 53 15.58 1.91 6.74
CA SER B 53 15.88 2.60 8.00
C SER B 53 15.98 4.12 7.89
N SER B 54 15.70 4.71 6.72
CA SER B 54 15.69 6.17 6.60
C SER B 54 14.34 6.75 7.02
N LEU B 55 14.38 7.67 7.98
CA LEU B 55 13.20 8.40 8.46
C LEU B 55 12.77 9.44 7.42
N GLN B 56 11.53 9.37 6.97
CA GLN B 56 11.02 10.44 6.12
C GLN B 56 11.03 11.76 6.89
N SER B 57 11.35 12.84 6.20
CA SER B 57 11.31 14.16 6.82
C SER B 57 9.94 14.45 7.42
N GLY B 58 9.95 15.00 8.65
CA GLY B 58 8.74 15.29 9.36
C GLY B 58 8.17 14.14 10.19
N VAL B 59 8.73 12.93 10.08
CA VAL B 59 8.19 11.79 10.82
C VAL B 59 8.85 11.75 12.18
N PRO B 60 8.11 11.42 13.25
CA PRO B 60 8.69 11.41 14.60
C PRO B 60 9.78 10.36 14.76
N SER B 61 10.76 10.68 15.60
CA SER B 61 11.93 9.80 15.72
C SER B 61 11.62 8.50 16.44
N ARG B 62 10.46 8.37 17.09
CA ARG B 62 10.13 7.10 17.73
C ARG B 62 9.88 5.97 16.74
N PHE B 63 9.70 6.28 15.45
CA PHE B 63 9.57 5.26 14.41
C PHE B 63 10.96 4.90 13.91
N SER B 64 11.34 3.63 14.06
CA SER B 64 12.67 3.17 13.65
C SER B 64 12.53 1.94 12.77
N GLY B 65 13.18 1.96 11.61
CA GLY B 65 13.19 0.81 10.71
C GLY B 65 14.55 0.13 10.76
N SER B 66 14.56 -1.20 10.73
CA SER B 66 15.82 -1.92 10.71
C SER B 66 15.69 -3.16 9.85
N GLY B 67 16.83 -3.70 9.47
CA GLY B 67 16.90 -4.96 8.75
C GLY B 67 17.52 -4.76 7.38
N SER B 68 18.02 -5.85 6.79
CA SER B 68 18.66 -5.85 5.48
C SER B 68 18.64 -7.29 4.98
N GLY B 69 18.27 -7.49 3.71
CA GLY B 69 18.12 -8.85 3.20
C GLY B 69 16.69 -9.34 3.20
N THR B 70 16.32 -10.19 4.16
CA THR B 70 14.96 -10.73 4.19
C THR B 70 14.14 -10.35 5.41
N ASP B 71 14.76 -10.06 6.55
CA ASP B 71 14.00 -9.81 7.77
C ASP B 71 14.08 -8.33 8.12
N PHE B 72 12.91 -7.72 8.30
CA PHE B 72 12.80 -6.29 8.54
C PHE B 72 11.90 -6.07 9.73
N THR B 73 12.14 -4.98 10.46
CA THR B 73 11.31 -4.64 11.61
CA THR B 73 11.30 -4.65 11.59
C THR B 73 11.03 -3.15 11.60
N LEU B 74 9.80 -2.80 11.92
CA LEU B 74 9.39 -1.46 12.28
C LEU B 74 9.21 -1.45 13.79
N THR B 75 9.96 -0.61 14.47
CA THR B 75 9.85 -0.44 15.92
C THR B 75 9.26 0.94 16.20
N ILE B 76 8.17 0.97 16.95
CA ILE B 76 7.63 2.21 17.46
C ILE B 76 7.95 2.22 18.95
N SER B 77 8.92 3.02 19.34
CA SER B 77 9.18 3.26 20.76
CA SER B 77 9.16 3.25 20.75
C SER B 77 8.13 4.23 21.31
N SER B 78 7.86 4.12 22.59
CA SER B 78 7.02 5.10 23.28
C SER B 78 5.72 5.40 22.49
N LEU B 79 4.93 4.35 22.28
CA LEU B 79 3.69 4.48 21.50
C LEU B 79 2.84 5.65 21.96
N GLN B 80 2.38 6.47 21.01
CA GLN B 80 1.57 7.65 21.29
C GLN B 80 0.12 7.44 20.81
N PRO B 81 -0.83 8.22 21.33
CA PRO B 81 -2.24 8.02 20.92
C PRO B 81 -2.49 8.16 19.42
N GLU B 82 -1.75 9.02 18.72
CA GLU B 82 -1.93 9.20 17.28
C GLU B 82 -1.32 8.06 16.47
N ASP B 83 -0.71 7.07 17.12
CA ASP B 83 -0.06 5.96 16.46
C ASP B 83 -0.97 4.75 16.27
N PHE B 84 -2.16 4.76 16.87
CA PHE B 84 -3.09 3.64 16.68
C PHE B 84 -3.64 3.72 15.27
N ALA B 85 -3.32 2.71 14.46
CA ALA B 85 -3.55 2.75 13.04
C ALA B 85 -3.14 1.42 12.44
N THR B 86 -3.15 1.32 11.12
CA THR B 86 -2.68 0.14 10.42
C THR B 86 -1.37 0.48 9.71
N TYR B 87 -0.45 -0.48 9.70
CA TYR B 87 0.89 -0.27 9.19
C TYR B 87 1.16 -1.28 8.08
N TYR B 88 1.84 -0.83 7.02
CA TYR B 88 2.16 -1.69 5.88
C TYR B 88 3.63 -1.57 5.53
N CYS B 89 4.26 -2.71 5.25
CA CYS B 89 5.53 -2.74 4.55
C CYS B 89 5.30 -2.88 3.05
N GLN B 90 6.30 -2.45 2.27
CA GLN B 90 6.27 -2.50 0.81
C GLN B 90 7.71 -2.63 0.32
N GLN B 91 7.97 -3.54 -0.60
CA GLN B 91 9.32 -3.67 -1.11
C GLN B 91 9.47 -2.87 -2.39
N SER B 92 10.63 -2.24 -2.53
CA SER B 92 10.96 -1.33 -3.63
C SER B 92 12.05 -1.92 -4.52
N TYR B 93 12.28 -3.23 -4.39
CA TYR B 93 13.38 -3.95 -5.02
C TYR B 93 13.06 -4.45 -6.42
N SER B 94 11.79 -4.73 -6.70
CA SER B 94 11.46 -5.43 -7.94
C SER B 94 10.03 -5.07 -8.34
N THR B 95 9.74 -5.33 -9.59
CA THR B 95 8.42 -5.17 -10.21
C THR B 95 7.73 -6.52 -10.25
N PRO B 96 6.44 -6.64 -9.87
CA PRO B 96 5.52 -5.62 -9.35
C PRO B 96 5.87 -5.20 -7.91
N ARG B 97 5.58 -3.96 -7.54
CA ARG B 97 5.68 -3.59 -6.12
C ARG B 97 4.64 -4.37 -5.31
N THR B 98 5.06 -4.93 -4.18
CA THR B 98 4.18 -5.71 -3.33
C THR B 98 4.21 -5.18 -1.89
N PHE B 99 3.11 -5.42 -1.18
CA PHE B 99 2.92 -4.99 0.21
C PHE B 99 2.70 -6.18 1.13
N GLY B 100 3.08 -6.01 2.39
CA GLY B 100 2.58 -6.89 3.41
C GLY B 100 1.09 -6.72 3.62
N GLN B 101 0.50 -7.70 4.29
CA GLN B 101 -0.96 -7.71 4.46
C GLN B 101 -1.44 -6.70 5.51
N GLY B 102 -0.55 -6.03 6.21
CA GLY B 102 -0.98 -5.00 7.14
C GLY B 102 -0.99 -5.47 8.58
N THR B 103 -0.74 -4.54 9.51
CA THR B 103 -0.78 -4.80 10.93
C THR B 103 -1.61 -3.72 11.57
N LYS B 104 -2.69 -4.11 12.24
CA LYS B 104 -3.53 -3.15 12.93
C LYS B 104 -3.08 -3.04 14.38
N VAL B 105 -2.78 -1.83 14.82
CA VAL B 105 -2.41 -1.55 16.21
C VAL B 105 -3.58 -0.88 16.87
N GLU B 106 -4.22 -1.58 17.81
CA GLU B 106 -5.43 -1.09 18.47
C GLU B 106 -5.13 -0.87 19.96
N ILE B 107 -6.05 -0.17 20.61
CA ILE B 107 -5.86 0.28 21.99
C ILE B 107 -6.29 -0.84 22.93
N LYS B 108 -5.38 -1.23 23.83
CA LYS B 108 -5.73 -2.22 24.85
C LYS B 108 -6.60 -1.58 25.94
N ARG B 109 -7.59 -2.33 26.44
CA ARG B 109 -8.41 -1.92 27.57
C ARG B 109 -8.93 -3.15 28.31
N THR B 110 -9.68 -2.93 29.40
CA THR B 110 -10.26 -4.02 30.16
CA THR B 110 -10.24 -4.04 30.14
C THR B 110 -11.44 -4.61 29.41
N VAL B 111 -11.69 -5.88 29.63
CA VAL B 111 -12.82 -6.55 29.05
C VAL B 111 -14.11 -5.83 29.40
N ALA B 112 -14.99 -5.69 28.42
CA ALA B 112 -16.29 -5.07 28.60
C ALA B 112 -17.31 -5.91 27.87
N ALA B 113 -18.29 -6.42 28.59
CA ALA B 113 -19.34 -7.22 28.00
C ALA B 113 -20.24 -6.36 27.12
N PRO B 114 -20.75 -6.91 26.02
CA PRO B 114 -21.71 -6.16 25.19
C PRO B 114 -23.07 -6.09 25.87
N SER B 115 -23.74 -4.95 25.69
CA SER B 115 -25.18 -4.86 25.89
C SER B 115 -25.85 -5.30 24.58
N VAL B 116 -26.86 -6.17 24.68
CA VAL B 116 -27.42 -6.84 23.51
C VAL B 116 -28.87 -6.43 23.35
N PHE B 117 -29.19 -5.91 22.18
CA PHE B 117 -30.52 -5.42 21.84
C PHE B 117 -30.98 -6.09 20.56
N ILE B 118 -32.28 -6.31 20.42
CA ILE B 118 -32.81 -6.94 19.21
C ILE B 118 -33.98 -6.10 18.71
N PHE B 119 -34.14 -6.08 17.38
CA PHE B 119 -35.11 -5.21 16.73
C PHE B 119 -35.84 -6.06 15.71
N PRO B 120 -37.14 -6.30 15.87
CA PRO B 120 -37.89 -7.03 14.84
C PRO B 120 -38.08 -6.17 13.61
N PRO B 121 -38.34 -6.78 12.45
CA PRO B 121 -38.58 -5.99 11.23
C PRO B 121 -39.72 -5.03 11.46
N SER B 122 -39.63 -3.86 10.83
CA SER B 122 -40.68 -2.86 10.93
C SER B 122 -41.86 -3.22 10.03
N ASP B 123 -43.03 -2.69 10.39
CA ASP B 123 -44.21 -2.89 9.55
C ASP B 123 -43.97 -2.41 8.13
N GLU B 124 -43.36 -1.22 7.98
CA GLU B 124 -43.21 -0.65 6.65
CA GLU B 124 -43.19 -0.63 6.67
C GLU B 124 -42.28 -1.48 5.78
N GLN B 125 -41.27 -2.14 6.36
CA GLN B 125 -40.44 -3.01 5.54
C GLN B 125 -41.21 -4.26 5.11
N LEU B 126 -41.98 -4.85 6.04
CA LEU B 126 -42.69 -6.08 5.74
C LEU B 126 -43.64 -5.90 4.57
N LYS B 127 -44.29 -4.73 4.47
CA LYS B 127 -45.14 -4.44 3.32
C LYS B 127 -44.38 -4.64 2.01
N SER B 128 -43.08 -4.40 2.01
CA SER B 128 -42.27 -4.54 0.80
C SER B 128 -41.82 -5.97 0.54
N GLY B 129 -42.24 -6.93 1.37
CA GLY B 129 -41.93 -8.33 1.13
C GLY B 129 -40.54 -8.79 1.53
N THR B 130 -39.90 -8.10 2.47
CA THR B 130 -38.62 -8.54 3.01
C THR B 130 -38.66 -8.34 4.51
N ALA B 131 -37.85 -9.10 5.25
CA ALA B 131 -37.75 -8.95 6.70
C ALA B 131 -36.29 -8.93 7.11
N SER B 132 -35.88 -7.84 7.75
CA SER B 132 -34.56 -7.72 8.35
C SER B 132 -34.72 -7.68 9.87
N VAL B 133 -34.01 -8.58 10.54
CA VAL B 133 -33.99 -8.60 12.00
C VAL B 133 -32.57 -8.21 12.43
N VAL B 134 -32.48 -7.25 13.35
CA VAL B 134 -31.18 -6.65 13.70
C VAL B 134 -30.87 -6.96 15.15
N CYS B 135 -29.66 -7.46 15.39
CA CYS B 135 -29.15 -7.72 16.71
C CYS B 135 -27.96 -6.79 16.92
N LEU B 136 -27.98 -6.02 18.00
CA LEU B 136 -26.95 -5.03 18.28
C LEU B 136 -26.15 -5.43 19.50
N LEU B 137 -24.83 -5.48 19.35
CA LEU B 137 -23.91 -5.66 20.47
C LEU B 137 -23.20 -4.32 20.69
N ASN B 138 -23.41 -3.72 21.86
CA ASN B 138 -23.00 -2.34 22.06
C ASN B 138 -21.86 -2.24 23.05
N ASN B 139 -20.88 -1.43 22.71
CA ASN B 139 -19.76 -1.08 23.55
C ASN B 139 -19.08 -2.22 24.29
N PHE B 140 -18.46 -3.10 23.54
CA PHE B 140 -17.79 -4.26 24.11
C PHE B 140 -16.30 -4.24 23.73
N TYR B 141 -15.53 -5.07 24.43
CA TYR B 141 -14.10 -5.26 24.20
C TYR B 141 -13.67 -6.58 24.83
N PRO B 142 -12.82 -7.38 24.18
CA PRO B 142 -12.17 -7.16 22.87
C PRO B 142 -13.15 -7.30 21.70
N ARG B 143 -12.63 -7.13 20.49
CA ARG B 143 -13.47 -7.08 19.29
C ARG B 143 -14.09 -8.44 18.96
N GLU B 144 -13.42 -9.52 19.31
CA GLU B 144 -13.88 -10.86 18.95
C GLU B 144 -15.20 -11.15 19.66
N ALA B 145 -16.19 -11.57 18.88
CA ALA B 145 -17.50 -11.94 19.42
C ALA B 145 -18.16 -12.86 18.42
N LYS B 146 -19.03 -13.72 18.90
CA LYS B 146 -19.77 -14.64 18.05
C LYS B 146 -21.26 -14.44 18.23
N VAL B 147 -21.94 -14.18 17.12
CA VAL B 147 -23.37 -13.94 17.07
C VAL B 147 -23.99 -15.04 16.23
N GLN B 148 -24.93 -15.78 16.81
CA GLN B 148 -25.58 -16.88 16.13
C GLN B 148 -27.09 -16.65 16.15
N TRP B 149 -27.73 -16.82 15.00
CA TRP B 149 -29.16 -16.59 14.87
C TRP B 149 -29.94 -17.90 14.99
N LYS B 150 -31.05 -17.85 15.72
CA LYS B 150 -31.95 -18.99 15.84
C LYS B 150 -33.39 -18.54 15.67
N VAL B 151 -34.07 -19.27 14.80
CA VAL B 151 -35.49 -19.13 14.46
C VAL B 151 -36.18 -20.42 14.89
N ASP B 152 -37.23 -20.33 15.68
CA ASP B 152 -37.81 -21.58 16.18
C ASP B 152 -36.69 -22.56 16.54
N ASN B 153 -35.72 -22.04 17.30
CA ASN B 153 -34.68 -22.85 17.94
C ASN B 153 -33.72 -23.52 16.96
N ALA B 154 -33.92 -23.31 15.66
CA ALA B 154 -33.01 -23.86 14.67
C ALA B 154 -31.93 -22.86 14.28
N LEU B 155 -30.69 -23.33 14.21
CA LEU B 155 -29.57 -22.49 13.91
C LEU B 155 -29.60 -22.02 12.46
N GLN B 156 -29.09 -20.83 12.20
CA GLN B 156 -29.08 -20.27 10.89
C GLN B 156 -27.69 -20.12 10.33
N SER B 157 -27.59 -20.04 9.01
CA SER B 157 -26.32 -19.98 8.33
C SER B 157 -26.52 -19.30 6.98
N GLY B 158 -25.60 -18.40 6.62
CA GLY B 158 -25.51 -17.84 5.29
C GLY B 158 -26.46 -16.69 4.98
N ASN B 159 -27.43 -16.40 5.85
CA ASN B 159 -28.46 -15.39 5.58
C ASN B 159 -28.35 -14.19 6.51
N SER B 160 -27.19 -13.96 7.12
CA SER B 160 -26.99 -12.80 7.97
C SER B 160 -25.69 -12.13 7.57
N GLN B 161 -25.58 -10.86 7.93
CA GLN B 161 -24.37 -10.09 7.68
C GLN B 161 -24.08 -9.23 8.90
N GLU B 162 -22.79 -9.15 9.24
CA GLU B 162 -22.31 -8.34 10.36
C GLU B 162 -21.58 -7.11 9.85
N SER B 163 -21.59 -6.08 10.69
CA SER B 163 -20.79 -4.89 10.49
C SER B 163 -20.28 -4.49 11.87
N VAL B 164 -19.08 -3.93 11.91
CA VAL B 164 -18.42 -3.57 13.17
C VAL B 164 -17.87 -2.16 13.03
N THR B 165 -18.01 -1.37 14.09
CA THR B 165 -17.49 -0.02 14.09
C THR B 165 -15.99 -0.05 14.30
N GLU B 166 -15.32 1.05 13.95
CA GLU B 166 -13.95 1.25 14.43
C GLU B 166 -13.98 1.45 15.93
N GLN B 167 -12.83 1.18 16.56
CA GLN B 167 -12.69 1.33 18.00
C GLN B 167 -13.04 2.76 18.42
N ASP B 168 -13.82 2.87 19.49
CA ASP B 168 -14.30 4.17 19.94
C ASP B 168 -13.19 4.96 20.61
N SER B 169 -13.06 6.23 20.25
CA SER B 169 -11.99 7.07 20.78
C SER B 169 -12.21 7.43 22.25
N LYS B 170 -13.46 7.47 22.69
CA LYS B 170 -13.72 7.88 24.07
CA LYS B 170 -13.70 7.90 24.16
C LYS B 170 -13.59 6.73 25.07
N ASP B 171 -14.03 5.52 24.71
CA ASP B 171 -13.96 4.41 25.65
C ASP B 171 -13.28 3.18 25.09
N SER B 172 -12.81 3.21 23.84
CA SER B 172 -11.99 2.14 23.26
C SER B 172 -12.75 0.84 23.04
N THR B 173 -14.09 0.90 22.98
CA THR B 173 -14.90 -0.29 22.76
C THR B 173 -15.28 -0.38 21.30
N TYR B 174 -15.89 -1.51 20.95
CA TYR B 174 -16.44 -1.78 19.64
C TYR B 174 -17.95 -1.97 19.77
N SER B 175 -18.66 -1.75 18.67
CA SER B 175 -20.05 -2.19 18.56
C SER B 175 -20.19 -3.00 17.29
N LEU B 176 -21.23 -3.81 17.23
CA LEU B 176 -21.38 -4.76 16.16
C LEU B 176 -22.86 -4.92 15.89
N SER B 177 -23.27 -4.84 14.64
CA SER B 177 -24.63 -5.19 14.23
C SER B 177 -24.60 -6.51 13.46
N SER B 178 -25.60 -7.36 13.70
CA SER B 178 -25.82 -8.56 12.91
C SER B 178 -27.24 -8.49 12.34
N THR B 179 -27.37 -8.65 11.03
CA THR B 179 -28.64 -8.47 10.36
C THR B 179 -29.00 -9.76 9.63
N LEU B 180 -30.12 -10.35 10.02
CA LEU B 180 -30.65 -11.54 9.38
C LEU B 180 -31.67 -11.10 8.33
N THR B 181 -31.46 -11.49 7.07
CA THR B 181 -32.38 -11.10 6.01
C THR B 181 -33.02 -12.32 5.38
N LEU B 182 -34.34 -12.32 5.39
CA LEU B 182 -35.17 -13.38 4.84
CA LEU B 182 -35.14 -13.38 4.80
C LEU B 182 -36.23 -12.75 3.95
N SER B 183 -36.72 -13.52 2.98
CA SER B 183 -37.92 -13.08 2.32
C SER B 183 -39.04 -13.02 3.36
N LYS B 184 -40.04 -12.19 3.12
CA LYS B 184 -41.15 -12.11 4.07
C LYS B 184 -41.93 -13.43 4.13
N ALA B 185 -41.98 -14.15 3.01
CA ALA B 185 -42.60 -15.47 3.01
C ALA B 185 -41.86 -16.42 3.96
N ASP B 186 -40.55 -16.59 3.72
CA ASP B 186 -39.74 -17.43 4.60
C ASP B 186 -39.88 -16.97 6.06
N TYR B 187 -39.84 -15.65 6.29
CA TYR B 187 -40.05 -15.10 7.64
C TYR B 187 -41.31 -15.64 8.27
N GLU B 188 -42.43 -15.50 7.59
CA GLU B 188 -43.74 -15.78 8.19
C GLU B 188 -43.91 -17.23 8.61
N LYS B 189 -43.05 -18.13 8.14
CA LYS B 189 -43.16 -19.55 8.45
C LYS B 189 -42.60 -19.93 9.81
N HIS B 190 -42.12 -18.97 10.60
CA HIS B 190 -41.54 -19.26 11.91
C HIS B 190 -41.98 -18.18 12.90
N LYS B 191 -41.84 -18.48 14.20
CA LYS B 191 -42.42 -17.62 15.25
C LYS B 191 -41.39 -16.92 16.13
N VAL B 192 -40.34 -17.59 16.58
CA VAL B 192 -39.43 -17.05 17.58
C VAL B 192 -38.08 -16.77 16.93
N TYR B 193 -37.60 -15.55 17.09
CA TYR B 193 -36.33 -15.12 16.51
C TYR B 193 -35.40 -14.72 17.64
N ALA B 194 -34.25 -15.37 17.70
CA ALA B 194 -33.32 -15.24 18.81
C ALA B 194 -31.92 -14.92 18.31
N CYS B 195 -31.25 -14.00 19.00
CA CYS B 195 -29.85 -13.69 18.77
C CYS B 195 -29.07 -14.16 19.99
N GLU B 196 -28.06 -15.01 19.77
CA GLU B 196 -27.26 -15.61 20.83
C GLU B 196 -25.83 -15.11 20.72
N VAL B 197 -25.35 -14.45 21.77
CA VAL B 197 -24.08 -13.74 21.75
C VAL B 197 -23.09 -14.45 22.66
N THR B 198 -21.91 -14.74 22.13
CA THR B 198 -20.81 -15.36 22.86
C THR B 198 -19.67 -14.34 22.95
N HIS B 199 -19.24 -14.01 24.17
CA HIS B 199 -18.18 -13.02 24.35
C HIS B 199 -17.39 -13.32 25.62
N GLN B 200 -16.11 -13.01 25.58
CA GLN B 200 -15.21 -13.20 26.70
C GLN B 200 -15.76 -12.58 27.97
N GLY B 201 -16.40 -11.44 27.87
CA GLY B 201 -16.96 -10.77 29.04
C GLY B 201 -18.26 -11.34 29.55
N LEU B 202 -18.75 -12.44 28.99
CA LEU B 202 -19.97 -13.09 29.44
C LEU B 202 -19.61 -14.48 29.94
N SER B 203 -20.01 -14.80 31.18
CA SER B 203 -19.72 -16.13 31.72
C SER B 203 -20.29 -17.23 30.84
N SER B 204 -21.53 -17.07 30.37
CA SER B 204 -22.13 -17.95 29.38
C SER B 204 -22.91 -17.10 28.38
N PRO B 205 -23.23 -17.66 27.21
CA PRO B 205 -23.86 -16.86 26.15
C PRO B 205 -25.18 -16.22 26.57
N VAL B 206 -25.39 -14.98 26.10
CA VAL B 206 -26.64 -14.27 26.33
C VAL B 206 -27.53 -14.42 25.10
N THR B 207 -28.85 -14.42 25.32
CA THR B 207 -29.83 -14.54 24.23
C THR B 207 -30.86 -13.43 24.35
N LYS B 208 -31.11 -12.74 23.24
CA LYS B 208 -32.23 -11.82 23.08
C LYS B 208 -33.16 -12.40 22.02
N SER B 209 -34.47 -12.24 22.23
CA SER B 209 -35.42 -12.83 21.28
C SER B 209 -36.80 -12.20 21.47
N PHE B 210 -37.64 -12.45 20.46
CA PHE B 210 -39.04 -12.02 20.43
C PHE B 210 -39.81 -13.08 19.65
N ASN B 211 -41.13 -13.13 19.88
CA ASN B 211 -42.03 -13.93 19.05
C ASN B 211 -42.71 -13.02 18.03
N ARG B 212 -42.95 -13.60 16.89
CA ARG B 212 -43.40 -12.94 15.69
C ARG B 212 -44.61 -12.10 15.50
N GLY B 213 -45.53 -11.92 16.44
CA GLY B 213 -45.55 -12.34 17.82
C GLY B 213 -45.58 -10.94 18.45
N GLU B 214 -45.03 -10.75 19.65
CA GLU B 214 -44.99 -9.42 20.27
C GLU B 214 -44.01 -9.34 21.44
N VAL C 2 4.20 19.52 -2.50
CA VAL C 2 3.49 19.08 -3.69
C VAL C 2 2.15 18.49 -3.27
N GLN C 3 1.07 19.08 -3.77
CA GLN C 3 -0.27 18.57 -3.59
C GLN C 3 -0.66 17.72 -4.80
N LEU C 4 -1.34 16.61 -4.54
CA LEU C 4 -1.88 15.76 -5.60
C LEU C 4 -3.40 15.72 -5.40
N VAL C 5 -4.14 16.19 -6.41
CA VAL C 5 -5.60 16.30 -6.31
C VAL C 5 -6.20 15.46 -7.42
N GLN C 6 -7.05 14.49 -7.05
CA GLN C 6 -7.62 13.54 -8.00
C GLN C 6 -9.05 13.89 -8.37
N SER C 7 -9.52 13.32 -9.48
CA SER C 7 -10.88 13.53 -9.94
C SER C 7 -11.85 12.79 -9.03
N GLY C 8 -13.16 13.09 -9.20
CA GLY C 8 -14.17 12.63 -8.28
C GLY C 8 -14.62 11.20 -8.52
N ALA C 9 -15.41 10.72 -7.57
CA ALA C 9 -15.86 9.33 -7.56
C ALA C 9 -16.57 8.99 -8.86
N GLU C 10 -16.51 7.71 -9.23
CA GLU C 10 -17.05 7.23 -10.48
C GLU C 10 -17.88 5.99 -10.19
N VAL C 11 -18.95 5.83 -10.97
CA VAL C 11 -19.75 4.61 -10.98
C VAL C 11 -19.77 4.07 -12.40
N LYS C 12 -19.47 2.80 -12.56
CA LYS C 12 -19.29 2.20 -13.87
C LYS C 12 -19.99 0.85 -13.89
N LYS C 13 -20.46 0.47 -15.10
CA LYS C 13 -21.02 -0.87 -15.29
C LYS C 13 -19.92 -1.86 -15.64
N PRO C 14 -20.12 -3.14 -15.36
CA PRO C 14 -19.10 -4.13 -15.72
C PRO C 14 -18.83 -4.08 -17.21
N GLY C 15 -17.55 -4.23 -17.57
CA GLY C 15 -17.13 -4.19 -18.94
C GLY C 15 -16.77 -2.81 -19.47
N SER C 16 -17.16 -1.74 -18.78
CA SER C 16 -16.82 -0.42 -19.27
C SER C 16 -15.39 -0.03 -18.87
N SER C 17 -15.06 1.25 -18.95
CA SER C 17 -13.73 1.68 -18.56
C SER C 17 -13.85 2.97 -17.75
N VAL C 18 -12.76 3.34 -17.08
CA VAL C 18 -12.72 4.55 -16.27
C VAL C 18 -11.35 5.17 -16.42
N LYS C 19 -11.30 6.50 -16.40
CA LYS C 19 -10.03 7.22 -16.44
C LYS C 19 -10.00 8.22 -15.29
N VAL C 20 -9.02 8.07 -14.41
CA VAL C 20 -8.86 8.87 -13.21
C VAL C 20 -7.73 9.87 -13.42
N SER C 21 -7.91 11.10 -12.94
CA SER C 21 -6.93 12.15 -13.15
C SER C 21 -6.24 12.50 -11.84
N CYS C 22 -4.99 12.94 -11.94
CA CYS C 22 -4.19 13.27 -10.76
C CYS C 22 -3.40 14.54 -11.08
N LYS C 23 -3.79 15.65 -10.48
CA LYS C 23 -3.22 16.95 -10.84
C LYS C 23 -2.25 17.38 -9.75
N ALA C 24 -1.00 17.64 -10.16
CA ALA C 24 0.04 18.01 -9.22
C ALA C 24 0.20 19.53 -9.22
N SER C 25 0.04 20.12 -8.05
CA SER C 25 0.41 21.52 -7.85
C SER C 25 1.78 21.55 -7.20
N GLY C 26 2.28 22.75 -6.96
CA GLY C 26 3.66 22.87 -6.53
C GLY C 26 4.58 22.94 -7.74
N GLY C 27 5.80 22.45 -7.56
CA GLY C 27 6.79 22.68 -8.58
C GLY C 27 7.45 21.46 -9.20
N THR C 28 7.56 21.48 -10.53
CA THR C 28 8.40 20.55 -11.25
C THR C 28 7.79 19.15 -11.30
N PHE C 29 6.67 19.04 -12.01
CA PHE C 29 6.10 17.75 -12.40
C PHE C 29 7.17 16.83 -12.99
N SER C 30 8.12 17.40 -13.73
CA SER C 30 9.14 16.59 -14.41
C SER C 30 10.22 16.05 -13.47
N SER C 31 10.21 16.38 -12.18
CA SER C 31 11.28 15.94 -11.29
C SER C 31 10.98 14.66 -10.53
N TYR C 32 9.83 14.00 -10.79
CA TYR C 32 9.51 12.75 -10.11
C TYR C 32 8.65 11.88 -11.00
N ALA C 33 8.34 10.67 -10.52
CA ALA C 33 7.45 9.74 -11.17
C ALA C 33 6.12 9.72 -10.41
N ILE C 34 5.08 9.22 -11.08
CA ILE C 34 3.74 9.09 -10.49
C ILE C 34 3.34 7.63 -10.51
N SER C 35 2.91 7.12 -9.37
CA SER C 35 2.45 5.75 -9.28
C SER C 35 0.97 5.74 -8.91
N TRP C 36 0.34 4.61 -9.21
CA TRP C 36 -1.07 4.36 -8.93
C TRP C 36 -1.19 3.09 -8.09
N VAL C 37 -1.89 3.21 -6.97
CA VAL C 37 -2.05 2.14 -5.99
C VAL C 37 -3.53 2.15 -5.62
N ARG C 38 -4.14 0.97 -5.53
CA ARG C 38 -5.55 0.92 -5.20
C ARG C 38 -5.78 0.10 -3.94
N GLN C 39 -6.97 0.27 -3.36
CA GLN C 39 -7.34 -0.39 -2.11
C GLN C 39 -8.82 -0.74 -2.16
N ALA C 40 -9.12 -2.03 -2.24
CA ALA C 40 -10.52 -2.47 -2.19
C ALA C 40 -11.08 -2.31 -0.77
N PRO C 41 -12.40 -2.13 -0.65
CA PRO C 41 -12.98 -1.89 0.67
C PRO C 41 -12.56 -2.95 1.68
N GLY C 42 -11.99 -2.52 2.80
CA GLY C 42 -11.53 -3.43 3.82
C GLY C 42 -10.29 -4.23 3.50
N GLN C 43 -9.63 -4.00 2.36
CA GLN C 43 -8.50 -4.81 1.95
C GLN C 43 -7.19 -4.03 2.06
N GLY C 44 -6.10 -4.71 1.67
CA GLY C 44 -4.78 -4.14 1.65
C GLY C 44 -4.53 -3.31 0.40
N LEU C 45 -3.27 -3.00 0.17
CA LEU C 45 -2.89 -2.11 -0.93
C LEU C 45 -2.38 -2.93 -2.12
N GLU C 46 -2.62 -2.41 -3.31
CA GLU C 46 -2.24 -3.13 -4.54
C GLU C 46 -1.71 -2.13 -5.56
N TRP C 47 -0.47 -2.35 -5.99
CA TRP C 47 0.18 -1.49 -6.96
C TRP C 47 -0.25 -1.83 -8.38
N MET C 48 -0.52 -0.80 -9.17
CA MET C 48 -0.96 -0.97 -10.55
C MET C 48 0.10 -0.63 -11.57
N GLY C 49 0.88 0.40 -11.32
CA GLY C 49 1.93 0.78 -12.25
C GLY C 49 2.33 2.22 -11.98
N GLY C 50 3.18 2.73 -12.87
CA GLY C 50 3.73 4.07 -12.71
C GLY C 50 4.12 4.64 -14.05
N ILE C 51 4.40 5.93 -14.05
CA ILE C 51 4.84 6.65 -15.25
C ILE C 51 5.89 7.65 -14.83
N ILE C 52 6.89 7.84 -15.70
CA ILE C 52 7.87 8.91 -15.53
C ILE C 52 7.53 9.98 -16.57
N PRO C 53 6.87 11.08 -16.17
CA PRO C 53 6.39 12.05 -17.15
C PRO C 53 7.48 12.60 -18.05
N ILE C 54 8.66 12.92 -17.51
CA ILE C 54 9.69 13.53 -18.35
C ILE C 54 10.15 12.59 -19.46
N PHE C 55 10.04 11.28 -19.25
CA PHE C 55 10.34 10.30 -20.30
C PHE C 55 9.11 9.81 -21.07
N GLY C 56 7.92 9.94 -20.50
CA GLY C 56 6.76 9.33 -21.13
C GLY C 56 6.69 7.83 -21.05
N THR C 57 7.51 7.18 -20.24
CA THR C 57 7.54 5.72 -20.16
C THR C 57 6.76 5.22 -18.94
N ALA C 58 6.06 4.10 -19.10
CA ALA C 58 5.25 3.53 -18.03
C ALA C 58 5.70 2.09 -17.75
N ASN C 59 5.36 1.62 -16.56
CA ASN C 59 5.71 0.31 -16.01
C ASN C 59 4.43 -0.23 -15.37
N TYR C 60 4.05 -1.47 -15.66
CA TYR C 60 2.74 -1.97 -15.27
C TYR C 60 2.86 -3.29 -14.52
N ALA C 61 1.91 -3.58 -13.64
CA ALA C 61 1.80 -4.92 -13.07
C ALA C 61 1.22 -5.87 -14.12
N GLN C 62 1.87 -7.02 -14.32
N GLN C 62 1.87 -7.03 -14.31
CA GLN C 62 1.38 -7.97 -15.32
CA GLN C 62 1.40 -7.99 -15.29
C GLN C 62 -0.04 -8.44 -15.00
C GLN C 62 -0.01 -8.48 -14.99
N LYS C 63 -0.36 -8.62 -13.71
CA LYS C 63 -1.67 -9.13 -13.33
C LYS C 63 -2.80 -8.38 -14.03
N PHE C 64 -2.57 -7.13 -14.43
CA PHE C 64 -3.63 -6.35 -15.05
C PHE C 64 -3.73 -6.57 -16.55
N GLN C 65 -2.82 -7.34 -17.13
CA GLN C 65 -3.00 -7.94 -18.46
C GLN C 65 -3.35 -6.89 -19.52
N GLY C 66 -2.53 -5.84 -19.60
CA GLY C 66 -2.82 -4.76 -20.53
C GLY C 66 -4.23 -4.19 -20.45
N ARG C 67 -4.82 -4.14 -19.26
CA ARG C 67 -6.08 -3.43 -19.05
C ARG C 67 -5.88 -2.00 -18.57
N VAL C 68 -4.64 -1.65 -18.19
CA VAL C 68 -4.32 -0.36 -17.60
C VAL C 68 -3.47 0.43 -18.59
N THR C 69 -3.76 1.73 -18.69
CA THR C 69 -2.91 2.65 -19.43
C THR C 69 -2.69 3.88 -18.56
N ILE C 70 -1.43 4.19 -18.28
CA ILE C 70 -1.05 5.36 -17.51
C ILE C 70 -0.40 6.35 -18.45
N THR C 71 -0.81 7.61 -18.35
CA THR C 71 -0.33 8.66 -19.25
C THR C 71 -0.11 9.92 -18.44
N ALA C 72 0.57 10.89 -19.03
CA ALA C 72 0.82 12.15 -18.34
C ALA C 72 0.92 13.28 -19.34
N ASP C 73 0.51 14.46 -18.91
CA ASP C 73 0.57 15.68 -19.71
CA ASP C 73 0.57 15.68 -19.71
C ASP C 73 1.38 16.71 -18.94
N GLU C 74 2.61 16.96 -19.39
CA GLU C 74 3.48 17.87 -18.68
C GLU C 74 2.97 19.30 -18.70
N SER C 75 2.22 19.68 -19.73
CA SER C 75 1.74 21.06 -19.80
C SER C 75 0.70 21.36 -18.72
N THR C 76 -0.03 20.34 -18.27
CA THR C 76 -1.02 20.51 -17.21
C THR C 76 -0.58 19.88 -15.88
N SER C 77 0.62 19.31 -15.79
CA SER C 77 1.08 18.65 -14.59
CA SER C 77 1.08 18.66 -14.58
C SER C 77 0.02 17.68 -14.06
N THR C 78 -0.52 16.86 -14.98
CA THR C 78 -1.58 15.92 -14.68
C THR C 78 -1.25 14.53 -15.21
N ALA C 79 -1.37 13.52 -14.36
CA ALA C 79 -1.25 12.14 -14.75
C ALA C 79 -2.63 11.47 -14.75
N TYR C 80 -2.76 10.41 -15.54
CA TYR C 80 -4.02 9.70 -15.68
C TYR C 80 -3.80 8.19 -15.60
N MET C 81 -4.78 7.51 -15.06
CA MET C 81 -4.87 6.05 -15.05
C MET C 81 -6.20 5.66 -15.69
N GLU C 82 -6.14 4.91 -16.78
CA GLU C 82 -7.33 4.39 -17.44
C GLU C 82 -7.39 2.89 -17.26
N LEU C 83 -8.51 2.40 -16.74
CA LEU C 83 -8.69 0.96 -16.50
C LEU C 83 -9.88 0.51 -17.31
N SER C 84 -9.69 -0.54 -18.13
CA SER C 84 -10.71 -0.97 -19.09
CA SER C 84 -10.70 -0.99 -19.10
C SER C 84 -11.23 -2.36 -18.72
N SER C 85 -12.31 -2.77 -19.39
CA SER C 85 -13.00 -4.04 -19.12
C SER C 85 -13.21 -4.24 -17.62
N LEU C 86 -13.84 -3.25 -17.00
CA LEU C 86 -13.99 -3.26 -15.55
C LEU C 86 -14.76 -4.49 -15.07
N ARG C 87 -14.35 -5.02 -13.93
CA ARG C 87 -15.09 -6.08 -13.25
C ARG C 87 -15.39 -5.67 -11.82
N SER C 88 -16.29 -6.41 -11.18
CA SER C 88 -16.67 -6.11 -9.81
C SER C 88 -15.45 -5.96 -8.90
N GLU C 89 -14.47 -6.85 -9.04
CA GLU C 89 -13.26 -6.80 -8.22
CA GLU C 89 -13.25 -6.78 -8.12
C GLU C 89 -12.46 -5.53 -8.42
N ASP C 90 -12.77 -4.72 -9.42
CA ASP C 90 -12.07 -3.45 -9.58
C ASP C 90 -12.64 -2.36 -8.69
N THR C 91 -13.73 -2.63 -7.95
CA THR C 91 -14.29 -1.65 -7.04
C THR C 91 -13.26 -1.33 -5.96
N ALA C 92 -12.87 -0.06 -5.85
CA ALA C 92 -11.77 0.23 -4.95
C ALA C 92 -11.55 1.74 -4.92
N VAL C 93 -10.77 2.17 -3.93
CA VAL C 93 -10.25 3.53 -3.91
C VAL C 93 -8.90 3.50 -4.63
N TYR C 94 -8.77 4.31 -5.68
CA TYR C 94 -7.55 4.43 -6.49
C TYR C 94 -6.78 5.67 -6.05
N TYR C 95 -5.49 5.52 -5.73
CA TYR C 95 -4.65 6.63 -5.33
C TYR C 95 -3.53 6.83 -6.33
N CYS C 96 -3.19 8.09 -6.59
CA CYS C 96 -1.92 8.38 -7.22
C CYS C 96 -0.93 8.78 -6.14
N ALA C 97 0.36 8.64 -6.44
CA ALA C 97 1.37 8.94 -5.45
C ALA C 97 2.63 9.37 -6.17
N ARG C 98 3.40 10.22 -5.51
N ARG C 98 3.41 10.16 -5.48
CA ARG C 98 4.66 10.70 -6.05
CA ARG C 98 4.65 10.65 -6.01
C ARG C 98 5.80 9.79 -5.63
C ARG C 98 5.83 9.77 -5.62
N ASP C 99 6.60 9.34 -6.60
CA ASP C 99 7.75 8.48 -6.37
C ASP C 99 9.00 9.26 -6.76
N PRO C 100 9.74 9.82 -5.79
CA PRO C 100 10.92 10.62 -6.15
C PRO C 100 12.03 9.82 -6.82
N SER C 101 11.99 8.48 -6.75
CA SER C 101 13.12 7.66 -7.16
C SER C 101 13.09 7.26 -8.64
N PHE C 102 12.08 7.66 -9.39
CA PHE C 102 11.98 7.26 -10.79
C PHE C 102 12.10 5.74 -10.93
N TRP C 103 11.49 5.00 -10.01
CA TRP C 103 11.41 3.54 -10.06
C TRP C 103 12.70 2.89 -9.56
N ALA C 104 13.74 3.66 -9.18
CA ALA C 104 15.00 3.05 -8.76
C ALA C 104 14.88 2.41 -7.40
N ALA C 105 13.96 2.93 -6.58
CA ALA C 105 13.68 2.47 -5.23
C ALA C 105 12.26 2.93 -4.88
N GLU C 106 11.29 2.58 -5.74
CA GLU C 106 9.97 3.21 -5.74
C GLU C 106 9.40 3.33 -4.34
N TYR C 107 9.10 4.57 -3.93
CA TYR C 107 8.42 4.80 -2.65
C TYR C 107 7.41 5.92 -2.84
N PHE C 108 6.38 5.92 -2.00
CA PHE C 108 5.23 6.79 -2.20
C PHE C 108 5.31 7.91 -1.16
N GLN C 109 5.94 9.01 -1.56
CA GLN C 109 6.28 10.08 -0.62
C GLN C 109 5.10 10.99 -0.35
N HIS C 110 4.31 11.31 -1.37
CA HIS C 110 3.09 12.09 -1.20
C HIS C 110 1.96 11.40 -1.96
N TRP C 111 0.74 11.45 -1.41
CA TRP C 111 -0.40 10.75 -1.99
C TRP C 111 -1.55 11.71 -2.31
N GLY C 112 -2.33 11.36 -3.33
CA GLY C 112 -3.59 12.03 -3.56
C GLY C 112 -4.61 11.60 -2.54
N GLN C 113 -5.79 12.25 -2.59
CA GLN C 113 -6.86 11.95 -1.65
C GLN C 113 -7.58 10.63 -1.99
N GLY C 114 -7.36 10.08 -3.17
CA GLY C 114 -8.04 8.85 -3.57
C GLY C 114 -9.31 9.13 -4.33
N THR C 115 -9.65 8.18 -5.22
CA THR C 115 -10.86 8.25 -6.06
C THR C 115 -11.59 6.92 -5.95
N LEU C 116 -12.78 6.92 -5.37
CA LEU C 116 -13.59 5.71 -5.34
C LEU C 116 -14.13 5.39 -6.74
N VAL C 117 -13.91 4.16 -7.19
CA VAL C 117 -14.52 3.65 -8.41
C VAL C 117 -15.36 2.45 -8.04
N THR C 118 -16.67 2.55 -8.27
CA THR C 118 -17.60 1.47 -8.00
C THR C 118 -17.99 0.83 -9.34
N VAL C 119 -17.73 -0.46 -9.48
CA VAL C 119 -18.10 -1.21 -10.67
C VAL C 119 -19.24 -2.15 -10.31
N SER C 120 -20.39 -1.96 -10.95
CA SER C 120 -21.58 -2.75 -10.61
C SER C 120 -22.60 -2.63 -11.73
N SER C 121 -23.43 -3.68 -11.88
CA SER C 121 -24.56 -3.59 -12.79
C SER C 121 -25.74 -2.87 -12.16
N ALA C 122 -25.70 -2.60 -10.86
CA ALA C 122 -26.81 -1.92 -10.18
C ALA C 122 -26.96 -0.49 -10.68
N SER C 123 -28.14 0.08 -10.48
CA SER C 123 -28.42 1.43 -10.91
C SER C 123 -28.59 2.34 -9.69
N THR C 124 -28.33 3.63 -9.90
CA THR C 124 -28.42 4.59 -8.82
C THR C 124 -29.80 4.54 -8.16
N LYS C 125 -29.79 4.44 -6.83
CA LYS C 125 -31.02 4.22 -6.07
C LYS C 125 -30.84 4.82 -4.69
N GLY C 126 -31.78 5.66 -4.28
CA GLY C 126 -31.81 6.13 -2.91
C GLY C 126 -32.29 5.06 -1.96
N PRO C 127 -31.92 5.17 -0.69
CA PRO C 127 -32.26 4.13 0.29
C PRO C 127 -33.71 4.19 0.75
N SER C 128 -34.20 3.04 1.20
CA SER C 128 -35.37 2.97 2.06
C SER C 128 -34.92 3.06 3.50
N VAL C 129 -35.64 3.83 4.32
CA VAL C 129 -35.24 4.11 5.70
C VAL C 129 -36.30 3.54 6.64
N PHE C 130 -35.95 2.50 7.36
CA PHE C 130 -36.94 1.92 8.26
C PHE C 130 -36.54 2.12 9.71
N PRO C 131 -37.51 2.33 10.61
CA PRO C 131 -37.18 2.51 12.03
C PRO C 131 -36.69 1.22 12.66
N LEU C 132 -35.70 1.35 13.55
CA LEU C 132 -35.37 0.32 14.52
C LEU C 132 -35.98 0.81 15.82
N ALA C 133 -37.25 0.47 16.01
CA ALA C 133 -38.03 1.09 17.08
C ALA C 133 -37.57 0.58 18.43
N PRO C 134 -37.48 1.45 19.43
CA PRO C 134 -37.14 0.97 20.77
C PRO C 134 -38.29 0.17 21.36
N SER C 135 -37.96 -0.82 22.18
CA SER C 135 -38.97 -1.66 22.81
C SER C 135 -38.41 -2.20 24.11
N SER C 136 -39.24 -2.95 24.83
CA SER C 136 -38.75 -3.65 26.01
C SER C 136 -37.61 -4.60 25.69
N LYS C 137 -37.48 -5.01 24.43
CA LYS C 137 -36.36 -5.85 24.01
C LYS C 137 -35.11 -5.06 23.63
N SER C 138 -35.17 -3.73 23.66
CA SER C 138 -34.02 -2.90 23.32
C SER C 138 -33.61 -1.97 24.48
N THR C 139 -33.85 -2.38 25.73
CA THR C 139 -33.45 -1.59 26.87
C THR C 139 -32.48 -2.37 27.75
N SER C 140 -31.66 -1.62 28.49
CA SER C 140 -30.74 -2.20 29.46
C SER C 140 -30.51 -1.15 30.53
N GLY C 141 -30.73 -1.52 31.78
CA GLY C 141 -30.71 -0.51 32.82
C GLY C 141 -31.76 0.54 32.50
N GLY C 142 -31.38 1.82 32.62
CA GLY C 142 -32.28 2.90 32.29
C GLY C 142 -32.06 3.43 30.90
N THR C 143 -31.47 2.61 30.04
CA THR C 143 -31.03 3.01 28.71
C THR C 143 -31.77 2.20 27.65
N ALA C 144 -32.12 2.88 26.55
CA ALA C 144 -32.79 2.25 25.42
C ALA C 144 -31.97 2.48 24.15
N ALA C 145 -31.92 1.47 23.30
CA ALA C 145 -31.36 1.61 21.95
C ALA C 145 -32.48 1.77 20.93
N LEU C 146 -32.25 2.64 19.95
CA LEU C 146 -33.11 2.80 18.79
C LEU C 146 -32.21 3.08 17.59
N GLY C 147 -32.79 3.17 16.40
CA GLY C 147 -31.95 3.34 15.23
C GLY C 147 -32.77 3.43 13.94
N CYS C 148 -32.02 3.50 12.84
CA CYS C 148 -32.58 3.56 11.49
C CYS C 148 -31.87 2.52 10.64
N LEU C 149 -32.65 1.70 9.92
CA LEU C 149 -32.08 0.78 8.96
C LEU C 149 -32.15 1.42 7.58
N VAL C 150 -31.00 1.62 6.97
CA VAL C 150 -30.87 2.35 5.71
C VAL C 150 -30.59 1.30 4.65
N LYS C 151 -31.62 0.88 3.98
CA LYS C 151 -31.47 -0.22 3.08
C LYS C 151 -31.60 -0.03 1.60
N ASP C 152 -30.86 -0.82 0.87
CA ASP C 152 -30.98 -0.92 -0.58
C ASP C 152 -30.72 0.42 -1.28
N TYR C 153 -29.52 0.95 -1.08
CA TYR C 153 -29.10 2.11 -1.84
C TYR C 153 -27.89 1.76 -2.67
N PHE C 154 -27.67 2.54 -3.72
CA PHE C 154 -26.51 2.42 -4.59
C PHE C 154 -26.20 3.75 -5.24
N PRO C 155 -24.93 4.17 -5.30
CA PRO C 155 -23.75 3.53 -4.72
C PRO C 155 -23.42 4.10 -3.35
N GLU C 156 -22.27 3.75 -2.79
CA GLU C 156 -21.74 4.47 -1.65
C GLU C 156 -21.48 5.92 -2.07
N PRO C 157 -21.57 6.89 -1.15
CA PRO C 157 -21.86 6.71 0.27
C PRO C 157 -23.18 7.35 0.74
N VAL C 158 -23.57 7.13 2.00
CA VAL C 158 -24.67 7.84 2.65
C VAL C 158 -24.14 8.47 3.93
N THR C 159 -24.83 9.51 4.38
CA THR C 159 -24.52 10.12 5.66
C THR C 159 -25.75 10.04 6.56
N VAL C 160 -25.53 9.83 7.84
CA VAL C 160 -26.63 9.79 8.81
C VAL C 160 -26.29 10.68 9.99
N SER C 161 -27.23 11.55 10.34
CA SER C 161 -27.17 12.29 11.59
C SER C 161 -28.49 12.09 12.31
N TRP C 162 -28.51 12.52 13.57
CA TRP C 162 -29.70 12.40 14.40
C TRP C 162 -30.09 13.78 14.90
N ASN C 163 -31.40 14.06 14.86
CA ASN C 163 -31.91 15.35 15.30
C ASN C 163 -31.11 16.50 14.67
N SER C 164 -30.88 16.38 13.36
CA SER C 164 -30.19 17.38 12.54
C SER C 164 -28.80 17.74 13.08
N GLY C 165 -28.11 16.77 13.67
CA GLY C 165 -26.78 16.99 14.23
C GLY C 165 -26.76 17.35 15.69
N ALA C 166 -27.91 17.55 16.31
CA ALA C 166 -27.98 17.90 17.73
C ALA C 166 -27.66 16.71 18.63
N LEU C 167 -27.83 15.50 18.15
CA LEU C 167 -27.63 14.29 18.94
C LEU C 167 -26.45 13.53 18.35
N THR C 168 -25.33 13.48 19.09
CA THR C 168 -24.12 12.79 18.67
C THR C 168 -23.65 11.78 19.71
N SER C 169 -23.99 12.03 20.96
CA SER C 169 -23.52 11.18 22.04
C SER C 169 -24.21 9.82 21.95
N GLY C 170 -23.43 8.74 21.99
CA GLY C 170 -23.93 7.39 21.93
C GLY C 170 -24.40 6.92 20.57
N VAL C 171 -24.14 7.67 19.51
CA VAL C 171 -24.52 7.25 18.16
C VAL C 171 -23.48 6.28 17.62
N HIS C 172 -23.93 5.25 16.92
CA HIS C 172 -23.04 4.37 16.16
C HIS C 172 -23.64 4.18 14.78
N THR C 173 -22.97 4.71 13.76
CA THR C 173 -23.36 4.46 12.37
C THR C 173 -22.40 3.42 11.81
N PHE C 174 -22.92 2.24 11.48
CA PHE C 174 -22.10 1.11 11.09
C PHE C 174 -21.66 1.22 9.63
N PRO C 175 -20.46 0.72 9.30
CA PRO C 175 -20.07 0.61 7.89
C PRO C 175 -21.11 -0.17 7.11
N ALA C 176 -21.28 0.20 5.84
CA ALA C 176 -22.27 -0.44 4.99
C ALA C 176 -21.82 -1.83 4.59
N VAL C 177 -22.80 -2.69 4.30
CA VAL C 177 -22.56 -4.02 3.76
CA VAL C 177 -22.55 -4.02 3.75
C VAL C 177 -23.14 -4.09 2.35
N LEU C 178 -22.45 -4.79 1.47
CA LEU C 178 -22.92 -4.99 0.10
C LEU C 178 -23.70 -6.28 0.07
N GLN C 179 -25.01 -6.20 -0.22
CA GLN C 179 -25.82 -7.40 -0.23
C GLN C 179 -25.80 -8.05 -1.61
N SER C 180 -26.40 -9.26 -1.66
CA SER C 180 -26.42 -10.04 -2.88
CA SER C 180 -26.42 -10.04 -2.88
C SER C 180 -27.09 -9.30 -4.04
N SER C 181 -28.02 -8.41 -3.73
CA SER C 181 -28.73 -7.63 -4.75
C SER C 181 -27.82 -6.65 -5.49
N GLY C 182 -26.63 -6.39 -4.99
CA GLY C 182 -25.81 -5.30 -5.49
C GLY C 182 -26.08 -3.97 -4.84
N LEU C 183 -27.09 -3.88 -3.97
CA LEU C 183 -27.40 -2.67 -3.23
C LEU C 183 -26.76 -2.72 -1.84
N TYR C 184 -26.53 -1.55 -1.26
CA TYR C 184 -25.88 -1.42 0.04
C TYR C 184 -26.92 -1.26 1.15
N SER C 185 -26.51 -1.63 2.37
CA SER C 185 -27.37 -1.47 3.54
CA SER C 185 -27.38 -1.45 3.54
C SER C 185 -26.51 -1.18 4.76
N LEU C 186 -27.04 -0.35 5.67
CA LEU C 186 -26.37 -0.07 6.93
C LEU C 186 -27.41 0.32 7.96
N SER C 187 -27.00 0.28 9.22
CA SER C 187 -27.84 0.74 10.30
C SER C 187 -27.09 1.79 11.08
N SER C 188 -27.82 2.76 11.61
CA SER C 188 -27.30 3.70 12.57
C SER C 188 -28.13 3.58 13.83
N VAL C 189 -27.46 3.51 14.99
CA VAL C 189 -28.13 3.31 16.27
C VAL C 189 -27.67 4.37 17.25
N VAL C 190 -28.49 4.60 18.27
CA VAL C 190 -28.15 5.50 19.36
C VAL C 190 -28.80 4.96 20.62
N THR C 191 -28.07 5.07 21.74
CA THR C 191 -28.61 4.74 23.05
C THR C 191 -28.95 6.04 23.77
N VAL C 192 -30.14 6.09 24.39
CA VAL C 192 -30.62 7.28 25.09
C VAL C 192 -31.29 6.84 26.39
N PRO C 193 -31.63 7.76 27.29
CA PRO C 193 -32.35 7.34 28.51
C PRO C 193 -33.73 6.80 28.14
N SER C 194 -34.05 5.62 28.67
CA SER C 194 -35.37 5.03 28.47
C SER C 194 -36.49 6.02 28.76
N SER C 195 -36.31 6.85 29.79
CA SER C 195 -37.38 7.75 30.21
C SER C 195 -37.72 8.78 29.13
N SER C 196 -36.80 9.05 28.20
CA SER C 196 -37.03 10.10 27.20
C SER C 196 -37.85 9.63 26.00
N LEU C 197 -38.11 8.33 25.84
CA LEU C 197 -38.72 7.88 24.58
C LEU C 197 -40.06 8.54 24.31
N GLY C 198 -40.83 8.87 25.35
CA GLY C 198 -42.14 9.45 25.10
C GLY C 198 -42.18 10.96 24.96
N THR C 199 -41.07 11.63 25.29
CA THR C 199 -41.01 13.08 25.33
C THR C 199 -39.99 13.70 24.39
N GLN C 200 -38.94 12.96 24.00
CA GLN C 200 -37.93 13.49 23.08
C GLN C 200 -38.14 12.90 21.69
N THR C 201 -38.29 13.76 20.70
CA THR C 201 -38.39 13.29 19.32
C THR C 201 -37.00 12.90 18.84
N TYR C 202 -36.90 11.70 18.27
CA TYR C 202 -35.65 11.21 17.69
C TYR C 202 -35.87 10.96 16.20
N ILE C 203 -35.13 11.69 15.38
CA ILE C 203 -35.25 11.66 13.92
C ILE C 203 -33.87 11.42 13.34
N CYS C 204 -33.75 10.41 12.46
CA CYS C 204 -32.50 10.17 11.77
C CYS C 204 -32.58 10.83 10.40
N ASN C 205 -31.52 11.58 10.05
CA ASN C 205 -31.46 12.33 8.80
C ASN C 205 -30.48 11.61 7.89
N VAL C 206 -30.99 11.03 6.81
CA VAL C 206 -30.21 10.20 5.89
C VAL C 206 -30.01 10.99 4.60
N ASN C 207 -28.77 11.07 4.13
CA ASN C 207 -28.45 11.84 2.94
C ASN C 207 -27.68 10.94 1.98
N HIS C 208 -28.23 10.76 0.78
CA HIS C 208 -27.58 9.97 -0.27
C HIS C 208 -27.35 10.92 -1.44
N LYS C 209 -26.22 11.62 -1.40
CA LYS C 209 -25.94 12.63 -2.42
C LYS C 209 -25.98 12.05 -3.82
N PRO C 210 -25.43 10.86 -4.09
CA PRO C 210 -25.50 10.30 -5.45
C PRO C 210 -26.89 10.26 -6.06
N SER C 211 -27.94 10.13 -5.25
CA SER C 211 -29.30 10.12 -5.78
C SER C 211 -30.10 11.35 -5.39
N ASN C 212 -29.46 12.34 -4.74
CA ASN C 212 -30.16 13.55 -4.32
C ASN C 212 -31.38 13.24 -3.47
N THR C 213 -31.27 12.23 -2.60
CA THR C 213 -32.35 11.87 -1.70
C THR C 213 -32.00 12.30 -0.28
N LYS C 214 -32.93 12.99 0.36
CA LYS C 214 -32.84 13.33 1.78
C LYS C 214 -34.08 12.77 2.45
N VAL C 215 -33.88 11.97 3.50
CA VAL C 215 -34.98 11.33 4.22
C VAL C 215 -34.83 11.61 5.72
N ASP C 216 -35.91 12.05 6.35
CA ASP C 216 -35.96 12.27 7.78
C ASP C 216 -37.03 11.35 8.35
N LYS C 217 -36.60 10.31 9.07
CA LYS C 217 -37.50 9.31 9.63
C LYS C 217 -37.55 9.48 11.14
N LYS C 218 -38.76 9.68 11.66
CA LYS C 218 -39.00 9.72 13.10
C LYS C 218 -39.07 8.30 13.64
N VAL C 219 -38.42 8.08 14.78
CA VAL C 219 -38.32 6.75 15.38
C VAL C 219 -39.00 6.78 16.73
N GLU C 220 -40.05 5.97 16.88
CA GLU C 220 -40.90 5.93 18.06
C GLU C 220 -41.10 4.50 18.53
N PRO C 221 -41.36 4.31 19.81
CA PRO C 221 -41.63 2.97 20.30
C PRO C 221 -43.04 2.63 19.90
N LYS C 222 -43.38 1.37 19.79
CA LYS C 222 -44.75 1.01 19.44
C LYS C 222 -45.48 0.37 20.62
C1 EDO D . 39.98 -9.07 -6.95
O1 EDO D . 39.50 -9.97 -7.97
C2 EDO D . 40.41 -7.73 -7.57
O2 EDO D . 41.25 -7.90 -8.71
H11 EDO D . 39.19 -8.90 -6.22
H12 EDO D . 40.84 -9.53 -6.46
HO1 EDO D . 39.19 -10.76 -7.51
H21 EDO D . 39.52 -7.18 -7.86
H22 EDO D . 40.96 -7.16 -6.81
HO2 EDO D . 41.54 -7.02 -8.98
C1 EDO E . 32.17 3.08 -27.48
O1 EDO E . 31.02 3.87 -27.71
C2 EDO E . 32.05 1.88 -28.37
O2 EDO E . 30.76 1.31 -28.17
H11 EDO E . 33.08 3.63 -27.73
H12 EDO E . 32.22 2.78 -26.43
HO1 EDO E . 30.89 4.00 -28.66
H21 EDO E . 32.17 2.20 -29.41
H22 EDO E . 32.84 1.17 -28.13
HO2 EDO E . 30.15 1.69 -28.82
C1 EDO F . 18.19 8.59 7.78
O1 EDO F . 17.10 8.46 8.72
C2 EDO F . 18.00 9.84 6.89
O2 EDO F . 16.60 10.04 6.56
H11 EDO F . 19.13 8.70 8.33
H12 EDO F . 18.24 7.71 7.15
HO1 EDO F . 17.30 7.70 9.27
H21 EDO F . 18.55 9.71 5.97
H22 EDO F . 18.37 10.71 7.42
HO2 EDO F . 16.57 10.73 5.89
C1 EDO G . 2.81 9.04 13.82
O1 EDO G . 1.44 8.74 14.19
C2 EDO G . 2.98 10.15 12.78
O2 EDO G . 2.39 9.71 11.55
H11 EDO G . 3.34 9.34 14.73
H12 EDO G . 3.26 8.13 13.43
HO1 EDO G . 1.49 8.12 14.93
H21 EDO G . 2.49 11.06 13.12
H22 EDO G . 4.04 10.34 12.63
HO2 EDO G . 2.28 10.50 10.99
C1 EDO H . 4.45 -6.48 18.98
O1 EDO H . 5.00 -5.41 19.78
C2 EDO H . 5.30 -7.75 19.12
O2 EDO H . 4.76 -8.78 18.28
H11 EDO H . 4.43 -6.17 17.94
H12 EDO H . 3.44 -6.69 19.31
HO1 EDO H . 4.43 -4.63 19.63
H21 EDO H . 5.28 -8.09 20.15
H22 EDO H . 6.32 -7.54 18.82
HO2 EDO H . 5.41 -9.50 18.27
C1 EDO I . -9.15 2.17 4.92
O1 EDO I . -8.12 2.50 5.87
C2 EDO I . -9.97 3.43 4.63
O2 EDO I . -9.04 4.45 4.22
H11 EDO I . -9.80 1.41 5.34
H12 EDO I . -8.69 1.81 4.00
HO1 EDO I . -7.64 1.68 6.05
H21 EDO I . -10.68 3.23 3.83
H22 EDO I . -10.50 3.75 5.53
HO2 EDO I . -9.57 5.21 3.95
C1 EDO J . -34.95 -20.34 8.22
O1 EDO J . -35.26 -19.51 7.11
C2 EDO J . -34.13 -21.53 7.79
O2 EDO J . -33.85 -22.37 8.90
H11 EDO J . -34.40 -19.77 8.95
H12 EDO J . -35.88 -20.69 8.68
HO1 EDO J . -36.18 -19.24 7.16
H21 EDO J . -34.66 -22.10 7.03
H22 EDO J . -33.19 -21.19 7.35
HO2 EDO J . -34.60 -22.37 9.52
C1 EDO K . -27.04 -4.43 7.28
O1 EDO K . -25.78 -4.76 7.88
C2 EDO K . -27.66 -3.20 7.96
O2 EDO K . -27.98 -3.46 9.34
H11 EDO K . -26.88 -4.20 6.22
H12 EDO K . -27.71 -5.27 7.38
HO1 EDO K . -25.41 -5.49 7.37
H21 EDO K . -26.97 -2.37 7.91
H22 EDO K . -28.58 -2.93 7.43
HO2 EDO K . -28.38 -2.65 9.70
C1 EDO L . -42.71 11.86 20.32
O1 EDO L . -41.99 12.94 20.91
C2 EDO L . -42.18 10.52 20.83
O2 EDO L . -43.13 9.48 20.58
H11 EDO L . -43.77 11.95 20.59
H12 EDO L . -42.61 11.90 19.24
HO1 EDO L . -42.34 13.74 20.54
H21 EDO L . -41.25 10.29 20.32
H22 EDO L . -42.00 10.59 21.91
HO2 EDO L . -42.75 8.66 20.92
C1 EDO M . -20.31 3.85 5.13
O1 EDO M . -20.05 2.55 4.65
C2 EDO M . -21.52 4.50 4.49
O2 EDO M . -21.19 5.29 3.37
H11 EDO M . -20.48 3.82 6.20
H12 EDO M . -19.45 4.49 4.96
HO1 EDO M . -20.07 2.55 3.68
H21 EDO M . -22.22 3.73 4.19
H22 EDO M . -22.01 5.14 5.23
HO2 EDO M . -21.98 5.75 3.06
#